data_6SRU
#
_entry.id   6SRU
#
_cell.length_a   73.920
_cell.length_b   107.715
_cell.length_c   79.531
_cell.angle_alpha   90.000
_cell.angle_beta   99.150
_cell.angle_gamma   90.000
#
_symmetry.space_group_name_H-M   'P 1 21 1'
#
loop_
_entity.id
_entity.type
_entity.pdbx_description
1 polymer 'Programmed cell death 1 ligand 1'
2 water water
#
_entity_poly.entity_id   1
_entity_poly.type   'polypeptide(L)'
_entity_poly.pdbx_seq_one_letter_code
;MGFTITAPKDLYVVEYGSNVTMECRFPVERELDLLALVVYWEKEDEQVIQFVAGEEDLKPQHSNFRGRASLPKDQLLKGN
AALQITDVKLQDAGVYCCIISYGGADYKRITLKVNAPY
;
_entity_poly.pdbx_strand_id   A,B,C,D,E,F,G,H,I,J
#
# COMPACT_ATOMS: atom_id res chain seq x y z
N PHE A 3 2.92 -2.51 -1.73
CA PHE A 3 3.19 -2.99 -3.09
C PHE A 3 3.98 -4.30 -3.05
N THR A 4 3.42 -5.34 -3.64
CA THR A 4 4.02 -6.67 -3.66
C THR A 4 3.65 -7.34 -4.96
N ILE A 5 4.61 -8.04 -5.57
CA ILE A 5 4.35 -8.78 -6.80
C ILE A 5 4.25 -10.27 -6.46
N THR A 6 3.42 -10.96 -7.23
CA THR A 6 3.12 -12.37 -7.01
C THR A 6 3.59 -13.18 -8.19
N ALA A 7 4.39 -14.21 -7.94
CA ALA A 7 4.76 -15.20 -8.95
C ALA A 7 4.12 -16.52 -8.58
N PRO A 8 2.97 -16.89 -9.17
CA PRO A 8 2.27 -18.10 -8.71
C PRO A 8 3.11 -19.37 -8.90
N LYS A 9 3.72 -19.52 -10.07
CA LYS A 9 4.61 -20.64 -10.35
C LYS A 9 6.02 -20.28 -9.92
N ASP A 10 6.59 -21.09 -9.02
CA ASP A 10 7.93 -20.87 -8.50
C ASP A 10 9.02 -21.46 -9.39
N LEU A 11 8.66 -22.36 -10.31
CA LEU A 11 9.63 -23.07 -11.12
C LEU A 11 8.96 -23.54 -12.40
N TYR A 12 9.72 -23.51 -13.50
CA TYR A 12 9.21 -23.91 -14.81
C TYR A 12 10.15 -24.96 -15.41
N VAL A 13 9.57 -26.07 -15.86
CA VAL A 13 10.31 -27.14 -16.55
C VAL A 13 9.87 -27.15 -18.00
N VAL A 14 10.77 -27.02 -18.97
CA VAL A 14 10.44 -26.93 -20.43
C VAL A 14 11.48 -27.71 -21.22
N GLU A 15 11.16 -28.01 -22.45
CA GLU A 15 11.97 -28.79 -23.37
C GLU A 15 12.80 -27.89 -24.28
N TYR A 16 14.02 -28.33 -24.58
CA TYR A 16 14.87 -27.64 -25.56
C TYR A 16 14.09 -27.37 -26.84
N GLY A 17 14.21 -26.15 -27.35
CA GLY A 17 13.54 -25.75 -28.57
C GLY A 17 12.14 -25.22 -28.39
N SER A 18 11.55 -25.36 -27.21
CA SER A 18 10.20 -24.92 -26.96
C SER A 18 10.19 -23.45 -26.52
N ASN A 19 9.01 -22.94 -26.21
CA ASN A 19 8.83 -21.60 -25.67
C ASN A 19 8.40 -21.69 -24.20
N VAL A 20 8.68 -20.63 -23.45
CA VAL A 20 8.24 -20.53 -22.06
C VAL A 20 7.83 -19.09 -21.77
N THR A 21 6.76 -18.93 -21.01
CA THR A 21 6.30 -17.63 -20.52
C THR A 21 6.20 -17.71 -19.00
N MET A 22 7.01 -16.91 -18.31
CA MET A 22 7.08 -16.94 -16.85
C MET A 22 6.30 -15.76 -16.28
N GLU A 23 5.24 -16.05 -15.53
CA GLU A 23 4.36 -15.02 -15.03
C GLU A 23 5.02 -14.22 -13.92
N CYS A 24 4.72 -12.91 -13.90
CA CYS A 24 5.18 -12.03 -12.83
C CYS A 24 4.14 -10.91 -12.75
N ARG A 25 3.24 -11.01 -11.77
CA ARG A 25 2.07 -10.14 -11.70
C ARG A 25 2.25 -9.04 -10.68
N PHE A 26 1.73 -7.86 -11.01
CA PHE A 26 1.74 -6.72 -10.13
C PHE A 26 0.35 -6.10 -10.07
N PRO A 27 -0.02 -5.50 -8.94
CA PRO A 27 -1.37 -4.94 -8.80
C PRO A 27 -1.52 -3.65 -9.59
N VAL A 28 -2.63 -3.56 -10.33
CA VAL A 28 -3.05 -2.30 -10.93
C VAL A 28 -4.36 -1.92 -10.22
N GLU A 29 -4.32 -0.85 -9.43
CA GLU A 29 -5.53 -0.22 -8.92
C GLU A 29 -5.98 0.82 -9.93
N ARG A 30 -7.23 0.72 -10.36
CA ARG A 30 -7.77 1.59 -11.42
C ARG A 30 -6.91 1.39 -12.65
N GLU A 31 -6.40 2.45 -13.28
CA GLU A 31 -5.88 2.37 -14.65
C GLU A 31 -4.38 2.51 -14.70
N LEU A 32 -3.78 1.77 -15.63
CA LEU A 32 -2.34 1.61 -15.71
C LEU A 32 -1.70 2.77 -16.46
N ASP A 33 -0.65 3.33 -15.86
CA ASP A 33 0.14 4.40 -16.46
C ASP A 33 1.50 3.81 -16.82
N LEU A 34 1.66 3.44 -18.10
CA LEU A 34 2.89 2.81 -18.55
C LEU A 34 4.12 3.67 -18.21
N LEU A 35 3.97 4.99 -18.19
CA LEU A 35 5.09 5.87 -17.90
C LEU A 35 5.54 5.82 -16.45
N ALA A 36 4.77 5.16 -15.58
CA ALA A 36 5.14 4.97 -14.19
C ALA A 36 5.69 3.57 -13.91
N LEU A 37 5.82 2.74 -14.95
CA LEU A 37 6.13 1.32 -14.79
C LEU A 37 7.58 1.05 -15.19
N VAL A 38 8.27 0.28 -14.34
CA VAL A 38 9.63 -0.17 -14.60
C VAL A 38 9.69 -1.68 -14.37
N VAL A 39 10.20 -2.41 -15.35
CA VAL A 39 10.34 -3.87 -15.25
C VAL A 39 11.74 -4.26 -15.70
N TYR A 40 12.41 -5.07 -14.88
CA TYR A 40 13.66 -5.71 -15.25
C TYR A 40 13.52 -7.22 -15.04
N TRP A 41 14.01 -8.00 -16.01
CA TRP A 41 14.24 -9.43 -15.81
C TRP A 41 15.74 -9.70 -15.87
N GLU A 42 16.26 -10.36 -14.84
CA GLU A 42 17.66 -10.75 -14.77
C GLU A 42 17.76 -12.26 -14.66
N LYS A 43 18.94 -12.78 -14.98
CA LYS A 43 19.25 -14.19 -14.78
C LYS A 43 20.69 -14.29 -14.28
N GLU A 44 20.86 -14.41 -12.96
CA GLU A 44 22.17 -14.58 -12.34
C GLU A 44 23.15 -13.51 -12.82
N ASP A 45 22.88 -12.29 -12.38
CA ASP A 45 23.71 -11.13 -12.72
C ASP A 45 23.93 -11.04 -14.23
N GLU A 46 22.82 -11.00 -14.95
CA GLU A 46 22.82 -10.90 -16.41
C GLU A 46 21.45 -10.40 -16.83
N GLN A 47 21.40 -9.22 -17.45
CA GLN A 47 20.13 -8.60 -17.80
C GLN A 47 19.56 -9.27 -19.04
N VAL A 48 18.32 -9.74 -18.94
CA VAL A 48 17.63 -10.33 -20.09
C VAL A 48 16.86 -9.28 -20.87
N ILE A 49 16.11 -8.43 -20.17
CA ILE A 49 15.27 -7.42 -20.82
C ILE A 49 14.85 -6.40 -19.76
N GLN A 50 14.47 -5.21 -20.21
CA GLN A 50 14.00 -4.18 -19.31
C GLN A 50 12.92 -3.36 -20.01
N PHE A 51 11.99 -2.83 -19.23
CA PHE A 51 10.92 -1.94 -19.72
C PHE A 51 10.85 -0.78 -18.73
N VAL A 52 11.31 0.39 -19.14
CA VAL A 52 11.47 1.54 -18.26
C VAL A 52 10.69 2.70 -18.85
N ALA A 53 9.56 3.04 -18.21
CA ALA A 53 8.74 4.19 -18.59
C ALA A 53 8.43 4.18 -20.09
N GLY A 54 8.00 3.01 -20.58
CA GLY A 54 7.62 2.86 -21.96
C GLY A 54 8.75 2.55 -22.92
N GLU A 55 9.99 2.61 -22.48
CA GLU A 55 11.15 2.32 -23.32
C GLU A 55 11.67 0.93 -22.99
N GLU A 56 11.69 0.05 -24.00
CA GLU A 56 12.14 -1.32 -23.84
C GLU A 56 13.54 -1.47 -24.41
N ASP A 57 14.40 -2.21 -23.74
CA ASP A 57 15.79 -2.43 -24.17
C ASP A 57 16.11 -3.91 -24.04
N LEU A 58 16.34 -4.64 -25.14
CA LEU A 58 16.71 -6.06 -25.10
C LEU A 58 18.19 -6.21 -24.79
N LYS A 59 18.98 -5.14 -24.93
CA LYS A 59 20.45 -5.07 -24.67
C LYS A 59 21.13 -6.05 -25.64
N PRO A 60 20.66 -6.20 -26.90
CA PRO A 60 21.20 -7.14 -27.84
C PRO A 60 22.47 -6.48 -28.39
N GLN A 61 23.49 -6.48 -27.57
CA GLN A 61 24.82 -5.93 -27.80
C GLN A 61 25.75 -7.08 -27.43
N HIS A 62 25.56 -8.22 -28.12
CA HIS A 62 26.04 -9.52 -27.68
C HIS A 62 25.32 -9.96 -26.41
N SER A 63 23.99 -9.91 -26.45
CA SER A 63 23.15 -10.48 -25.40
C SER A 63 22.88 -11.95 -25.71
N ASN A 64 22.85 -12.77 -24.67
CA ASN A 64 22.60 -14.19 -24.86
C ASN A 64 21.14 -14.48 -25.22
N PHE A 65 20.28 -13.46 -25.15
CA PHE A 65 18.83 -13.53 -25.52
C PHE A 65 18.55 -12.39 -26.51
N ARG A 66 19.45 -12.25 -27.50
CA ARG A 66 19.44 -11.21 -28.56
C ARG A 66 18.02 -10.92 -29.06
N GLY A 67 17.35 -11.88 -29.68
CA GLY A 67 15.99 -11.70 -30.24
C GLY A 67 15.04 -12.82 -29.87
N ARG A 68 15.21 -13.40 -28.67
CA ARG A 68 14.36 -14.47 -28.16
C ARG A 68 13.58 -14.09 -26.91
N ALA A 69 13.84 -12.93 -26.32
CA ALA A 69 13.16 -12.48 -25.11
C ALA A 69 12.24 -11.31 -25.43
N SER A 70 11.05 -11.32 -24.84
CA SER A 70 10.08 -10.26 -25.07
C SER A 70 9.21 -10.11 -23.83
N LEU A 71 8.50 -8.99 -23.78
CA LEU A 71 7.48 -8.71 -22.76
C LEU A 71 6.16 -8.46 -23.49
N PRO A 72 5.37 -9.49 -23.76
CA PRO A 72 4.11 -9.28 -24.47
C PRO A 72 3.28 -8.21 -23.79
N LYS A 73 2.85 -7.21 -24.56
CA LYS A 73 2.18 -6.05 -23.97
C LYS A 73 0.72 -6.29 -23.68
N ASP A 74 0.10 -7.30 -24.32
CA ASP A 74 -1.25 -7.69 -23.92
C ASP A 74 -1.27 -8.27 -22.51
N GLN A 75 -0.12 -8.71 -22.00
CA GLN A 75 0.00 -9.14 -20.61
C GLN A 75 0.43 -8.01 -19.69
N LEU A 76 1.37 -7.15 -20.14
CA LEU A 76 1.73 -5.97 -19.36
C LEU A 76 0.50 -5.18 -18.97
N LEU A 77 -0.41 -4.95 -19.92
CA LEU A 77 -1.58 -4.13 -19.66
C LEU A 77 -2.51 -4.78 -18.64
N LYS A 78 -2.48 -6.10 -18.53
CA LYS A 78 -3.28 -6.82 -17.54
C LYS A 78 -2.56 -6.99 -16.22
N GLY A 79 -1.45 -6.28 -16.01
CA GLY A 79 -0.73 -6.38 -14.76
C GLY A 79 0.15 -7.61 -14.64
N ASN A 80 0.56 -8.19 -15.78
CA ASN A 80 1.42 -9.37 -15.81
C ASN A 80 2.65 -9.03 -16.64
N ALA A 81 3.79 -8.84 -15.97
CA ALA A 81 5.05 -8.56 -16.64
C ALA A 81 5.77 -9.85 -17.02
N ALA A 82 5.10 -10.63 -17.87
CA ALA A 82 5.56 -11.97 -18.21
C ALA A 82 6.73 -11.92 -19.17
N LEU A 83 7.77 -12.71 -18.88
CA LEU A 83 8.92 -12.85 -19.76
C LEU A 83 8.70 -14.06 -20.68
N GLN A 84 8.78 -13.83 -21.98
CA GLN A 84 8.62 -14.86 -22.98
C GLN A 84 9.96 -15.14 -23.64
N ILE A 85 10.43 -16.37 -23.52
CA ILE A 85 11.69 -16.81 -24.14
C ILE A 85 11.34 -17.84 -25.20
N THR A 86 11.64 -17.52 -26.46
CA THR A 86 11.38 -18.43 -27.57
C THR A 86 12.62 -19.26 -27.89
N ASP A 87 12.38 -20.48 -28.37
CA ASP A 87 13.45 -21.37 -28.83
C ASP A 87 14.50 -21.57 -27.72
N VAL A 88 14.02 -22.11 -26.60
CA VAL A 88 14.85 -22.19 -25.40
C VAL A 88 16.08 -23.03 -25.65
N LYS A 89 17.16 -22.69 -24.94
CA LYS A 89 18.43 -23.40 -25.01
C LYS A 89 18.86 -23.79 -23.60
N LEU A 90 19.77 -24.78 -23.52
CA LEU A 90 20.23 -25.24 -22.22
C LEU A 90 20.77 -24.09 -21.37
N GLN A 91 21.46 -23.14 -22.01
CA GLN A 91 22.02 -22.00 -21.28
C GLN A 91 20.95 -21.16 -20.60
N ASP A 92 19.70 -21.24 -21.06
CA ASP A 92 18.63 -20.45 -20.47
C ASP A 92 18.23 -20.94 -19.08
N ALA A 93 18.50 -22.21 -18.75
CA ALA A 93 18.19 -22.71 -17.42
C ALA A 93 18.88 -21.88 -16.36
N GLY A 94 18.21 -21.68 -15.23
CA GLY A 94 18.80 -20.96 -14.12
C GLY A 94 17.74 -20.23 -13.32
N VAL A 95 18.22 -19.37 -12.42
CA VAL A 95 17.37 -18.58 -11.53
C VAL A 95 17.15 -17.22 -12.15
N TYR A 96 15.93 -16.94 -12.57
CA TYR A 96 15.55 -15.62 -13.06
C TYR A 96 15.02 -14.78 -11.91
N CYS A 97 15.24 -13.46 -12.02
CA CYS A 97 14.72 -12.51 -11.05
C CYS A 97 13.85 -11.49 -11.77
N CYS A 98 12.62 -11.35 -11.32
CA CYS A 98 11.68 -10.37 -11.85
C CYS A 98 11.58 -9.20 -10.89
N ILE A 99 11.93 -8.00 -11.35
CA ILE A 99 11.97 -6.80 -10.53
C ILE A 99 11.02 -5.78 -11.16
N ILE A 100 10.10 -5.25 -10.35
CA ILE A 100 9.09 -4.31 -10.84
C ILE A 100 9.05 -3.11 -9.91
N SER A 101 8.90 -1.92 -10.50
CA SER A 101 8.64 -0.70 -9.76
C SER A 101 7.40 -0.03 -10.36
N TYR A 102 6.34 0.09 -9.55
CA TYR A 102 5.10 0.75 -9.96
C TYR A 102 4.53 1.35 -8.67
N GLY A 103 4.89 2.61 -8.41
CA GLY A 103 4.69 3.18 -7.10
C GLY A 103 5.80 2.75 -6.17
N GLY A 104 5.71 1.50 -5.68
CA GLY A 104 6.77 0.88 -4.94
C GLY A 104 7.50 -0.16 -5.76
N ALA A 105 8.31 -0.97 -5.07
CA ALA A 105 9.20 -1.92 -5.74
C ALA A 105 9.22 -3.27 -5.01
N ASP A 106 9.42 -4.34 -5.77
CA ASP A 106 9.48 -5.69 -5.22
C ASP A 106 10.18 -6.59 -6.24
N TYR A 107 10.50 -7.82 -5.81
CA TYR A 107 11.17 -8.77 -6.69
C TYR A 107 10.78 -10.21 -6.32
N LYS A 108 10.84 -11.09 -7.31
CA LYS A 108 10.63 -12.52 -7.12
C LYS A 108 11.63 -13.31 -7.94
N ARG A 109 12.20 -14.36 -7.35
CA ARG A 109 13.05 -15.29 -8.08
C ARG A 109 12.22 -16.45 -8.64
N ILE A 110 12.60 -16.90 -9.83
CA ILE A 110 11.91 -17.96 -10.55
C ILE A 110 12.96 -18.83 -11.22
N THR A 111 12.83 -20.14 -11.09
CA THR A 111 13.81 -21.07 -11.64
C THR A 111 13.29 -21.71 -12.93
N LEU A 112 14.16 -21.79 -13.92
CA LEU A 112 13.86 -22.43 -15.20
C LEU A 112 14.75 -23.66 -15.36
N LYS A 113 14.13 -24.80 -15.64
CA LYS A 113 14.84 -26.03 -15.97
C LYS A 113 14.56 -26.40 -17.42
N VAL A 114 15.60 -26.86 -18.11
CA VAL A 114 15.52 -27.17 -19.54
C VAL A 114 15.94 -28.61 -19.75
N ASN A 115 15.01 -29.44 -20.23
CA ASN A 115 15.31 -30.83 -20.56
C ASN A 115 15.88 -30.91 -21.96
N ALA A 116 16.95 -31.68 -22.13
CA ALA A 116 17.63 -31.79 -23.42
C ALA A 116 17.00 -32.87 -24.27
N PRO A 117 17.35 -32.92 -25.55
CA PRO A 117 17.05 -34.10 -26.36
C PRO A 117 17.82 -35.32 -25.87
N TYR A 118 17.43 -36.49 -26.37
CA TYR A 118 18.08 -37.73 -25.97
C TYR A 118 19.39 -37.89 -26.73
N PHE B 3 -10.81 4.60 -19.19
CA PHE B 3 -10.05 4.89 -20.40
C PHE B 3 -10.17 3.76 -21.41
N THR B 4 -10.66 4.10 -22.60
CA THR B 4 -10.90 3.14 -23.67
C THR B 4 -10.63 3.84 -24.99
N ILE B 5 -9.90 3.18 -25.89
CA ILE B 5 -9.62 3.74 -27.20
C ILE B 5 -10.66 3.22 -28.17
N THR B 6 -10.95 4.02 -29.20
CA THR B 6 -12.01 3.70 -30.15
C THR B 6 -11.39 3.56 -31.54
N ALA B 7 -11.60 2.40 -32.16
CA ALA B 7 -11.19 2.16 -33.55
C ALA B 7 -12.46 1.95 -34.38
N PRO B 8 -12.93 2.95 -35.13
CA PRO B 8 -14.16 2.79 -35.92
C PRO B 8 -14.00 1.82 -37.08
N LYS B 9 -12.82 1.28 -37.30
CA LYS B 9 -12.54 0.39 -38.42
C LYS B 9 -11.39 -0.52 -38.03
N ASP B 10 -11.59 -1.82 -38.13
CA ASP B 10 -10.55 -2.80 -37.85
C ASP B 10 -10.29 -3.73 -39.03
N LEU B 11 -10.94 -3.51 -40.15
CA LEU B 11 -10.71 -4.27 -41.39
C LEU B 11 -10.45 -3.23 -42.48
N TYR B 12 -9.18 -3.02 -42.80
CA TYR B 12 -8.75 -2.13 -43.88
C TYR B 12 -8.31 -3.01 -45.04
N VAL B 13 -9.11 -3.05 -46.10
CA VAL B 13 -8.73 -3.72 -47.33
C VAL B 13 -8.09 -2.68 -48.25
N VAL B 14 -6.86 -2.91 -48.72
CA VAL B 14 -6.14 -1.94 -49.57
C VAL B 14 -5.41 -2.70 -50.67
N GLU B 15 -4.96 -1.99 -51.67
CA GLU B 15 -4.24 -2.50 -52.83
C GLU B 15 -2.72 -2.37 -52.63
N TYR B 16 -1.99 -3.33 -53.19
CA TYR B 16 -0.52 -3.25 -53.24
C TYR B 16 -0.10 -1.91 -53.83
N GLY B 17 0.93 -1.31 -53.23
CA GLY B 17 1.43 -0.04 -53.68
C GLY B 17 0.72 1.19 -53.16
N SER B 18 -0.47 1.02 -52.57
CA SER B 18 -1.23 2.16 -52.07
C SER B 18 -0.77 2.53 -50.66
N ASN B 19 -1.39 3.56 -50.09
CA ASN B 19 -1.19 3.95 -48.71
C ASN B 19 -2.42 3.58 -47.90
N VAL B 20 -2.21 3.40 -46.59
CA VAL B 20 -3.29 3.13 -45.65
C VAL B 20 -3.02 3.89 -44.36
N THR B 21 -4.06 4.50 -43.81
CA THR B 21 -4.01 5.15 -42.50
C THR B 21 -5.06 4.48 -41.63
N MET B 22 -4.60 3.77 -40.60
CA MET B 22 -5.48 3.03 -39.71
C MET B 22 -5.69 3.85 -38.45
N GLU B 23 -6.91 4.34 -38.26
CA GLU B 23 -7.20 5.26 -37.16
C GLU B 23 -7.28 4.50 -35.84
N CYS B 24 -6.92 5.19 -34.76
CA CYS B 24 -6.94 4.60 -33.42
C CYS B 24 -7.02 5.77 -32.44
N ARG B 25 -8.24 6.06 -31.98
CA ARG B 25 -8.51 7.29 -31.25
C ARG B 25 -8.47 7.07 -29.74
N PHE B 26 -7.98 8.08 -29.03
CA PHE B 26 -7.91 8.06 -27.58
C PHE B 26 -8.47 9.36 -27.03
N PRO B 27 -9.11 9.30 -25.86
CA PRO B 27 -9.75 10.50 -25.29
C PRO B 27 -8.76 11.40 -24.56
N VAL B 28 -9.03 12.71 -24.53
CA VAL B 28 -8.10 13.70 -23.91
C VAL B 28 -8.87 14.68 -23.01
N GLU B 29 -8.93 14.42 -21.70
CA GLU B 29 -9.56 15.34 -20.72
C GLU B 29 -8.57 16.48 -20.45
N ARG B 30 -9.04 17.74 -20.39
CA ARG B 30 -8.23 19.00 -20.16
C ARG B 30 -7.31 19.24 -21.38
N GLU B 31 -6.24 20.06 -21.26
CA GLU B 31 -5.28 20.31 -22.38
C GLU B 31 -4.47 19.03 -22.65
N LEU B 32 -4.04 18.82 -23.89
CA LEU B 32 -3.24 17.64 -24.33
C LEU B 32 -1.79 17.80 -23.86
N ASP B 33 -1.13 16.72 -23.44
CA ASP B 33 0.25 16.73 -22.95
C ASP B 33 0.98 15.57 -23.62
N LEU B 34 1.74 15.87 -24.68
CA LEU B 34 2.44 14.84 -25.42
C LEU B 34 3.41 14.05 -24.55
N LEU B 35 3.92 14.67 -23.48
CA LEU B 35 4.84 13.97 -22.59
C LEU B 35 4.16 12.90 -21.77
N ALA B 36 2.84 12.89 -21.70
CA ALA B 36 2.08 11.88 -20.97
C ALA B 36 1.52 10.79 -21.89
N LEU B 37 1.83 10.86 -23.17
CA LEU B 37 1.26 9.95 -24.17
C LEU B 37 2.25 8.85 -24.52
N VAL B 38 1.75 7.62 -24.60
CA VAL B 38 2.54 6.47 -25.06
C VAL B 38 1.70 5.73 -26.10
N VAL B 39 2.28 5.52 -27.27
CA VAL B 39 1.63 4.81 -28.36
C VAL B 39 2.58 3.72 -28.85
N TYR B 40 2.07 2.51 -29.00
CA TYR B 40 2.77 1.45 -29.71
C TYR B 40 1.86 0.89 -30.80
N TRP B 41 2.44 0.54 -31.93
CA TRP B 41 1.77 -0.25 -32.96
C TRP B 41 2.57 -1.52 -33.16
N GLU B 42 1.90 -2.67 -33.06
CA GLU B 42 2.51 -3.96 -33.29
C GLU B 42 1.81 -4.66 -34.45
N LYS B 43 2.39 -5.73 -34.94
CA LYS B 43 1.82 -6.58 -35.98
C LYS B 43 2.32 -7.99 -35.69
N GLU B 44 1.59 -8.77 -34.90
CA GLU B 44 1.91 -10.16 -34.62
C GLU B 44 3.33 -10.29 -34.06
N ASP B 45 3.57 -9.58 -32.96
CA ASP B 45 4.78 -9.57 -32.17
C ASP B 45 5.90 -8.73 -32.81
N GLU B 46 5.74 -8.29 -34.06
CA GLU B 46 6.62 -7.28 -34.64
C GLU B 46 6.20 -5.91 -34.12
N GLN B 47 7.17 -5.09 -33.74
CA GLN B 47 6.87 -3.68 -33.49
C GLN B 47 7.11 -2.90 -34.78
N VAL B 48 6.11 -2.12 -35.22
CA VAL B 48 6.09 -1.23 -36.40
C VAL B 48 6.66 0.12 -35.98
N ILE B 49 6.11 0.72 -34.96
CA ILE B 49 6.46 2.08 -34.55
C ILE B 49 6.06 2.29 -33.10
N GLN B 50 6.66 3.30 -32.45
CA GLN B 50 6.29 3.68 -31.10
C GLN B 50 6.49 5.19 -30.95
N PHE B 51 5.77 5.76 -29.98
CA PHE B 51 5.84 7.18 -29.65
C PHE B 51 5.70 7.25 -28.13
N VAL B 52 6.79 7.57 -27.43
CA VAL B 52 6.86 7.47 -25.98
C VAL B 52 7.30 8.84 -25.45
N ALA B 53 6.35 9.58 -24.86
CA ALA B 53 6.65 10.86 -24.24
C ALA B 53 7.36 11.80 -25.21
N GLY B 54 6.87 11.84 -26.45
CA GLY B 54 7.41 12.71 -27.47
C GLY B 54 8.48 12.10 -28.33
N GLU B 55 9.09 11.00 -27.90
CA GLU B 55 10.20 10.38 -28.62
C GLU B 55 9.66 9.26 -29.51
N GLU B 56 9.92 9.35 -30.80
CA GLU B 56 9.49 8.37 -31.78
C GLU B 56 10.66 7.47 -32.17
N ASP B 57 10.34 6.26 -32.58
CA ASP B 57 11.34 5.22 -32.89
C ASP B 57 10.74 4.08 -33.69
N LEU B 58 11.39 3.62 -34.76
CA LEU B 58 11.03 2.37 -35.49
C LEU B 58 12.09 1.37 -35.04
N LYS B 59 11.98 0.99 -33.76
CA LYS B 59 12.86 0.16 -32.91
C LYS B 59 13.77 -0.80 -33.69
N PRO B 60 13.31 -1.88 -34.37
CA PRO B 60 14.29 -2.78 -34.96
C PRO B 60 15.10 -2.07 -36.04
N GLN B 61 16.42 -2.30 -36.11
CA GLN B 61 17.20 -1.79 -37.25
C GLN B 61 16.87 -2.73 -38.39
N HIS B 62 16.78 -2.21 -39.61
CA HIS B 62 16.44 -3.01 -40.81
C HIS B 62 15.11 -3.70 -40.55
N SER B 63 14.18 -2.95 -39.97
CA SER B 63 12.80 -3.36 -39.78
C SER B 63 12.12 -3.58 -41.13
N ASN B 64 10.95 -4.22 -41.10
CA ASN B 64 10.20 -4.42 -42.32
C ASN B 64 9.35 -3.20 -42.71
N PHE B 65 9.31 -2.18 -41.86
CA PHE B 65 8.59 -0.94 -42.15
C PHE B 65 9.53 0.27 -42.19
N ARG B 66 10.78 0.05 -42.57
CA ARG B 66 11.76 1.13 -42.61
C ARG B 66 11.25 2.29 -43.45
N GLY B 67 11.11 3.45 -42.83
CA GLY B 67 10.75 4.66 -43.54
C GLY B 67 9.41 4.62 -44.26
N ARG B 68 8.61 3.59 -43.99
CA ARG B 68 7.27 3.49 -44.56
C ARG B 68 6.16 3.68 -43.53
N ALA B 69 6.48 3.65 -42.25
CA ALA B 69 5.50 3.79 -41.17
C ALA B 69 5.70 5.10 -40.45
N SER B 70 4.60 5.79 -40.16
CA SER B 70 4.64 7.07 -39.47
C SER B 70 3.40 7.24 -38.62
N LEU B 71 3.46 8.21 -37.70
CA LEU B 71 2.32 8.66 -36.92
C LEU B 71 2.14 10.15 -37.21
N PRO B 72 1.34 10.50 -38.22
CA PRO B 72 1.14 11.93 -38.52
C PRO B 72 0.72 12.71 -37.29
N LYS B 73 1.47 13.76 -36.97
CA LYS B 73 1.23 14.49 -35.74
C LYS B 73 -0.01 15.38 -35.80
N ASP B 74 -0.43 15.80 -37.00
CA ASP B 74 -1.69 16.53 -37.11
C ASP B 74 -2.87 15.68 -36.66
N GLN B 75 -2.73 14.35 -36.66
CA GLN B 75 -3.73 13.46 -36.12
C GLN B 75 -3.49 13.17 -34.64
N LEU B 76 -2.23 13.01 -34.23
CA LEU B 76 -1.94 12.85 -32.80
C LEU B 76 -2.54 13.99 -31.99
N LEU B 77 -2.38 15.23 -32.47
CA LEU B 77 -2.92 16.38 -31.76
C LEU B 77 -4.43 16.29 -31.61
N LYS B 78 -5.11 15.68 -32.57
CA LYS B 78 -6.56 15.54 -32.53
C LYS B 78 -7.00 14.28 -31.80
N GLY B 79 -6.10 13.60 -31.11
CA GLY B 79 -6.45 12.40 -30.38
C GLY B 79 -6.59 11.16 -31.22
N ASN B 80 -5.91 11.12 -32.37
CA ASN B 80 -5.97 9.99 -33.29
C ASN B 80 -4.54 9.51 -33.53
N ALA B 81 -4.17 8.40 -32.90
CA ALA B 81 -2.85 7.80 -33.09
C ALA B 81 -2.85 6.91 -34.34
N ALA B 82 -3.12 7.55 -35.47
CA ALA B 82 -3.29 6.84 -36.73
C ALA B 82 -1.95 6.36 -37.26
N LEU B 83 -1.87 5.07 -37.61
CA LEU B 83 -0.69 4.50 -38.23
C LEU B 83 -0.80 4.66 -39.75
N GLN B 84 0.16 5.34 -40.35
CA GLN B 84 0.22 5.53 -41.79
C GLN B 84 1.31 4.64 -42.36
N ILE B 85 0.92 3.74 -43.27
CA ILE B 85 1.86 2.88 -43.98
C ILE B 85 1.83 3.29 -45.45
N THR B 86 2.97 3.69 -45.98
CA THR B 86 3.10 4.07 -47.39
C THR B 86 3.64 2.90 -48.20
N ASP B 87 3.17 2.79 -49.44
CA ASP B 87 3.67 1.80 -50.39
C ASP B 87 3.57 0.39 -49.81
N VAL B 88 2.32 -0.01 -49.55
CA VAL B 88 2.09 -1.26 -48.83
C VAL B 88 2.57 -2.46 -49.63
N LYS B 89 2.95 -3.51 -48.90
CA LYS B 89 3.41 -4.77 -49.47
C LYS B 89 2.52 -5.90 -48.97
N LEU B 90 2.61 -7.05 -49.64
CA LEU B 90 1.86 -8.22 -49.21
C LEU B 90 2.17 -8.58 -47.76
N GLN B 91 3.44 -8.53 -47.38
CA GLN B 91 3.83 -8.87 -46.02
C GLN B 91 3.12 -8.00 -44.98
N ASP B 92 2.71 -6.79 -45.36
CA ASP B 92 2.08 -5.88 -44.41
C ASP B 92 0.71 -6.36 -43.97
N ALA B 93 0.10 -7.28 -44.71
CA ALA B 93 -1.18 -7.85 -44.30
C ALA B 93 -1.03 -8.58 -42.97
N GLY B 94 -2.03 -8.48 -42.11
CA GLY B 94 -2.02 -9.16 -40.84
C GLY B 94 -2.82 -8.39 -39.81
N VAL B 95 -2.66 -8.81 -38.56
CA VAL B 95 -3.39 -8.24 -37.43
C VAL B 95 -2.49 -7.23 -36.73
N TYR B 96 -2.85 -5.96 -36.83
CA TYR B 96 -2.15 -4.89 -36.13
C TYR B 96 -2.78 -4.67 -34.76
N CYS B 97 -1.93 -4.32 -33.79
CA CYS B 97 -2.38 -4.02 -32.43
C CYS B 97 -1.98 -2.59 -32.10
N CYS B 98 -2.96 -1.77 -31.74
CA CYS B 98 -2.74 -0.38 -31.37
C CYS B 98 -2.86 -0.27 -29.85
N ILE B 99 -1.76 0.12 -29.20
CA ILE B 99 -1.68 0.19 -27.74
C ILE B 99 -1.38 1.63 -27.35
N ILE B 100 -2.21 2.19 -26.47
CA ILE B 100 -2.08 3.58 -26.07
C ILE B 100 -2.10 3.65 -24.54
N SER B 101 -1.30 4.56 -23.99
CA SER B 101 -1.36 4.91 -22.58
C SER B 101 -1.45 6.42 -22.47
N TYR B 102 -2.54 6.92 -21.90
CA TYR B 102 -2.73 8.35 -21.65
C TYR B 102 -3.63 8.43 -20.42
N GLY B 103 -3.01 8.52 -19.24
CA GLY B 103 -3.72 8.29 -17.99
C GLY B 103 -3.82 6.81 -17.73
N GLY B 104 -4.76 6.15 -18.42
CA GLY B 104 -4.85 4.71 -18.43
C GLY B 104 -4.36 4.11 -19.74
N ALA B 105 -4.59 2.81 -19.90
CA ALA B 105 -4.05 2.05 -21.02
C ALA B 105 -5.10 1.13 -21.61
N ASP B 106 -5.04 0.96 -22.93
CA ASP B 106 -5.98 0.11 -23.66
C ASP B 106 -5.29 -0.38 -24.94
N TYR B 107 -5.95 -1.31 -25.65
CA TYR B 107 -5.43 -1.79 -26.91
C TYR B 107 -6.56 -2.28 -27.82
N LYS B 108 -6.37 -2.09 -29.12
CA LYS B 108 -7.34 -2.50 -30.14
C LYS B 108 -6.61 -3.21 -31.27
N ARG B 109 -7.12 -4.37 -31.68
CA ARG B 109 -6.57 -5.11 -32.81
C ARG B 109 -7.28 -4.69 -34.10
N ILE B 110 -6.51 -4.60 -35.18
CA ILE B 110 -6.99 -4.10 -36.46
C ILE B 110 -6.36 -4.95 -37.56
N THR B 111 -7.18 -5.45 -38.48
CA THR B 111 -6.72 -6.34 -39.54
C THR B 111 -6.53 -5.57 -40.83
N LEU B 112 -5.41 -5.82 -41.51
CA LEU B 112 -5.11 -5.25 -42.80
C LEU B 112 -5.10 -6.35 -43.86
N LYS B 113 -5.82 -6.14 -44.95
CA LYS B 113 -5.88 -7.07 -46.07
C LYS B 113 -5.30 -6.38 -47.30
N VAL B 114 -4.37 -7.04 -47.97
CA VAL B 114 -3.66 -6.45 -49.10
C VAL B 114 -3.93 -7.30 -50.34
N ASN B 115 -4.61 -6.70 -51.32
CA ASN B 115 -4.87 -7.34 -52.60
C ASN B 115 -3.68 -7.13 -53.53
N ALA B 116 -3.30 -8.21 -54.24
CA ALA B 116 -2.20 -8.15 -55.20
C ALA B 116 -2.68 -7.59 -56.54
N PRO B 117 -1.78 -6.96 -57.30
CA PRO B 117 -2.22 -6.28 -58.53
C PRO B 117 -2.77 -7.26 -59.56
N TYR B 118 -3.40 -6.69 -60.58
CA TYR B 118 -4.07 -7.44 -61.64
C TYR B 118 -3.21 -7.51 -62.90
N PHE C 3 0.34 -33.93 -20.40
CA PHE C 3 -1.00 -33.41 -20.15
C PHE C 3 -0.95 -31.98 -19.61
N THR C 4 -1.64 -31.08 -20.31
CA THR C 4 -1.65 -29.66 -19.98
C THR C 4 -2.97 -29.08 -20.45
N ILE C 5 -3.59 -28.23 -19.63
CA ILE C 5 -4.88 -27.62 -19.96
C ILE C 5 -4.64 -26.19 -20.42
N THR C 6 -5.42 -25.77 -21.43
CA THR C 6 -5.22 -24.51 -22.12
C THR C 6 -6.42 -23.60 -21.86
N ALA C 7 -6.15 -22.40 -21.35
CA ALA C 7 -7.20 -21.40 -21.13
C ALA C 7 -6.96 -20.25 -22.10
N PRO C 8 -7.73 -20.15 -23.21
CA PRO C 8 -7.43 -19.09 -24.19
C PRO C 8 -7.53 -17.70 -23.61
N LYS C 9 -8.64 -17.39 -22.94
CA LYS C 9 -8.76 -16.19 -22.15
C LYS C 9 -8.35 -16.50 -20.71
N ASP C 10 -7.50 -15.64 -20.14
CA ASP C 10 -7.12 -15.74 -18.74
C ASP C 10 -7.69 -14.58 -17.93
N LEU C 11 -8.63 -13.84 -18.51
CA LEU C 11 -9.27 -12.70 -17.86
C LEU C 11 -10.63 -12.47 -18.52
N TYR C 12 -11.67 -12.42 -17.71
CA TYR C 12 -13.02 -12.10 -18.17
C TYR C 12 -13.51 -10.87 -17.43
N VAL C 13 -13.99 -9.88 -18.18
CA VAL C 13 -14.61 -8.68 -17.63
C VAL C 13 -16.08 -8.73 -18.01
N VAL C 14 -17.00 -8.74 -17.04
CA VAL C 14 -18.46 -8.84 -17.30
C VAL C 14 -19.17 -7.85 -16.38
N GLU C 15 -20.45 -7.65 -16.67
CA GLU C 15 -21.35 -6.74 -15.98
C GLU C 15 -22.16 -7.49 -14.92
N TYR C 16 -22.44 -6.80 -13.81
CA TYR C 16 -23.35 -7.32 -12.80
C TYR C 16 -24.66 -7.76 -13.44
N GLY C 17 -25.17 -8.90 -12.99
CA GLY C 17 -26.40 -9.46 -13.52
C GLY C 17 -26.24 -10.32 -14.75
N SER C 18 -25.12 -10.22 -15.45
CA SER C 18 -24.92 -10.94 -16.69
C SER C 18 -24.47 -12.37 -16.42
N ASN C 19 -24.23 -13.12 -17.49
CA ASN C 19 -23.70 -14.48 -17.41
C ASN C 19 -22.27 -14.48 -17.94
N VAL C 20 -21.49 -15.46 -17.49
CA VAL C 20 -20.12 -15.66 -17.96
C VAL C 20 -19.86 -17.15 -18.07
N THR C 21 -19.14 -17.55 -19.13
CA THR C 21 -18.67 -18.91 -19.30
C THR C 21 -17.16 -18.86 -19.48
N MET C 22 -16.42 -19.37 -18.50
CA MET C 22 -14.96 -19.34 -18.52
C MET C 22 -14.45 -20.70 -18.99
N GLU C 23 -13.70 -20.73 -20.10
CA GLU C 23 -13.33 -21.98 -20.76
C GLU C 23 -12.09 -22.53 -20.09
N CYS C 24 -11.93 -23.84 -20.16
CA CYS C 24 -10.81 -24.59 -19.59
C CYS C 24 -10.72 -25.89 -20.37
N ARG C 25 -9.86 -25.92 -21.38
CA ARG C 25 -9.82 -27.02 -22.34
C ARG C 25 -8.76 -28.04 -21.96
N PHE C 26 -9.09 -29.31 -22.16
CA PHE C 26 -8.16 -30.41 -21.90
C PHE C 26 -8.16 -31.37 -23.09
N PRO C 27 -7.02 -32.02 -23.37
CA PRO C 27 -6.93 -32.92 -24.53
C PRO C 27 -7.66 -34.23 -24.26
N VAL C 28 -8.45 -34.66 -25.25
CA VAL C 28 -9.32 -35.82 -25.10
C VAL C 28 -8.88 -36.94 -26.05
N GLU C 29 -8.92 -38.17 -25.54
CA GLU C 29 -8.50 -39.33 -26.31
C GLU C 29 -9.54 -39.69 -27.38
N ARG C 30 -9.28 -40.80 -28.09
CA ARG C 30 -10.21 -41.24 -29.12
C ARG C 30 -11.60 -41.48 -28.56
N GLU C 31 -11.70 -41.89 -27.30
CA GLU C 31 -12.98 -42.11 -26.63
C GLU C 31 -12.94 -41.41 -25.29
N LEU C 32 -13.77 -40.36 -25.13
CA LEU C 32 -13.86 -39.68 -23.85
C LEU C 32 -14.62 -40.56 -22.86
N ASP C 33 -13.98 -40.88 -21.74
CA ASP C 33 -14.55 -41.72 -20.69
C ASP C 33 -14.83 -40.82 -19.48
N LEU C 34 -16.11 -40.44 -19.32
CA LEU C 34 -16.47 -39.52 -18.25
C LEU C 34 -16.10 -40.07 -16.87
N LEU C 35 -16.03 -41.39 -16.73
CA LEU C 35 -15.69 -41.99 -15.45
C LEU C 35 -14.22 -41.81 -15.09
N ALA C 36 -13.39 -41.36 -16.04
CA ALA C 36 -11.98 -41.12 -15.80
C ALA C 36 -11.68 -39.63 -15.64
N LEU C 37 -12.70 -38.79 -15.61
CA LEU C 37 -12.55 -37.34 -15.63
C LEU C 37 -12.85 -36.75 -14.26
N VAL C 38 -11.98 -35.84 -13.80
CA VAL C 38 -12.17 -35.12 -12.56
C VAL C 38 -11.98 -33.63 -12.85
N VAL C 39 -12.97 -32.82 -12.50
CA VAL C 39 -12.90 -31.38 -12.67
C VAL C 39 -13.23 -30.70 -11.33
N TYR C 40 -12.39 -29.75 -10.94
CA TYR C 40 -12.66 -28.90 -9.79
C TYR C 40 -12.56 -27.44 -10.24
N TRP C 41 -13.54 -26.63 -9.86
CA TRP C 41 -13.47 -25.19 -9.99
C TRP C 41 -13.50 -24.59 -8.59
N GLU C 42 -12.51 -23.77 -8.25
CA GLU C 42 -12.52 -23.07 -6.98
C GLU C 42 -12.17 -21.60 -7.21
N LYS C 43 -12.43 -20.79 -6.19
CA LYS C 43 -12.17 -19.35 -6.21
C LYS C 43 -11.53 -19.00 -4.88
N GLU C 44 -10.21 -18.97 -4.85
CA GLU C 44 -9.44 -18.67 -3.63
C GLU C 44 -9.94 -19.51 -2.45
N ASP C 45 -9.80 -20.82 -2.61
CA ASP C 45 -10.09 -21.85 -1.61
C ASP C 45 -11.59 -22.11 -1.45
N GLU C 46 -12.47 -21.31 -2.05
CA GLU C 46 -13.88 -21.67 -2.13
C GLU C 46 -14.08 -22.65 -3.27
N GLN C 47 -14.78 -23.75 -3.00
CA GLN C 47 -15.21 -24.64 -4.07
C GLN C 47 -16.50 -24.11 -4.67
N VAL C 48 -16.51 -23.89 -5.98
CA VAL C 48 -17.65 -23.43 -6.77
C VAL C 48 -18.41 -24.66 -7.22
N ILE C 49 -17.76 -25.63 -7.85
CA ILE C 49 -18.39 -26.81 -8.42
C ILE C 49 -17.34 -27.89 -8.64
N GLN C 50 -17.77 -29.14 -8.70
CA GLN C 50 -16.90 -30.26 -8.98
C GLN C 50 -17.64 -31.30 -9.81
N PHE C 51 -16.88 -32.06 -10.60
CA PHE C 51 -17.41 -33.12 -11.44
C PHE C 51 -16.43 -34.29 -11.32
N VAL C 52 -16.81 -35.33 -10.59
CA VAL C 52 -15.91 -36.41 -10.21
C VAL C 52 -16.50 -37.72 -10.69
N ALA C 53 -15.89 -38.29 -11.73
CA ALA C 53 -16.32 -39.58 -12.29
C ALA C 53 -17.82 -39.60 -12.56
N GLY C 54 -18.30 -38.53 -13.19
CA GLY C 54 -19.69 -38.42 -13.57
C GLY C 54 -20.60 -37.81 -12.53
N GLU C 55 -20.15 -37.69 -11.28
CA GLU C 55 -20.97 -37.16 -10.20
C GLU C 55 -20.65 -35.68 -10.00
N GLU C 56 -21.64 -34.83 -10.22
CA GLU C 56 -21.52 -33.40 -10.04
C GLU C 56 -22.04 -33.00 -8.66
N ASP C 57 -21.43 -31.97 -8.08
CA ASP C 57 -21.83 -31.49 -6.77
C ASP C 57 -21.34 -30.07 -6.59
N LEU C 58 -22.14 -29.21 -5.99
CA LEU C 58 -21.70 -27.83 -5.67
C LEU C 58 -21.43 -27.87 -4.17
N LYS C 59 -20.16 -27.96 -3.73
CA LYS C 59 -19.77 -28.08 -2.31
C LYS C 59 -20.57 -27.08 -1.48
N PRO C 60 -21.05 -27.55 -0.30
CA PRO C 60 -22.02 -27.00 0.62
C PRO C 60 -23.36 -26.45 0.11
N GLN C 61 -24.27 -26.35 1.06
CA GLN C 61 -25.63 -25.85 0.80
C GLN C 61 -25.50 -24.36 1.01
N HIS C 62 -24.46 -23.90 1.71
CA HIS C 62 -24.27 -22.46 1.80
C HIS C 62 -23.40 -21.91 0.66
N SER C 63 -23.03 -22.76 -0.30
CA SER C 63 -22.25 -22.33 -1.45
C SER C 63 -22.79 -20.99 -1.96
N ASN C 64 -21.90 -20.02 -2.10
CA ASN C 64 -22.30 -18.71 -2.59
C ASN C 64 -22.75 -18.73 -4.04
N PHE C 65 -22.65 -19.90 -4.69
CA PHE C 65 -23.20 -20.17 -6.02
C PHE C 65 -24.36 -21.19 -6.00
N ARG C 66 -25.36 -21.18 -5.07
CA ARG C 66 -26.28 -22.30 -4.85
C ARG C 66 -26.76 -22.89 -6.16
N GLY C 67 -27.47 -22.09 -6.95
CA GLY C 67 -27.97 -22.52 -8.25
C GLY C 67 -27.61 -21.57 -9.36
N ARG C 68 -26.34 -21.17 -9.41
CA ARG C 68 -25.84 -20.27 -10.43
C ARG C 68 -24.62 -20.79 -11.17
N ALA C 69 -24.00 -21.87 -10.70
CA ALA C 69 -22.81 -22.44 -11.33
C ALA C 69 -23.15 -23.79 -11.93
N SER C 70 -22.64 -24.03 -13.15
CA SER C 70 -22.90 -25.27 -13.86
C SER C 70 -21.70 -25.59 -14.75
N LEU C 71 -21.66 -26.85 -15.21
CA LEU C 71 -20.67 -27.32 -16.17
C LEU C 71 -21.43 -27.86 -17.38
N PRO C 72 -21.72 -27.03 -18.38
CA PRO C 72 -22.48 -27.52 -19.53
C PRO C 72 -21.82 -28.74 -20.15
N LYS C 73 -22.60 -29.81 -20.32
CA LYS C 73 -22.04 -31.08 -20.73
C LYS C 73 -21.80 -31.18 -22.23
N ASP C 74 -22.50 -30.39 -23.03
CA ASP C 74 -22.16 -30.33 -24.46
C ASP C 74 -20.78 -29.74 -24.68
N GLN C 75 -20.22 -29.04 -23.68
CA GLN C 75 -18.84 -28.58 -23.73
C GLN C 75 -17.89 -29.60 -23.11
N LEU C 76 -18.28 -30.22 -21.99
CA LEU C 76 -17.47 -31.28 -21.39
C LEU C 76 -17.10 -32.33 -22.42
N LEU C 77 -18.09 -32.76 -23.22
CA LEU C 77 -17.85 -33.82 -24.21
C LEU C 77 -16.89 -33.36 -25.31
N LYS C 78 -16.77 -32.07 -25.53
CA LYS C 78 -15.84 -31.52 -26.52
C LYS C 78 -14.45 -31.30 -25.94
N GLY C 79 -14.25 -31.60 -24.66
CA GLY C 79 -12.99 -31.33 -24.00
C GLY C 79 -12.85 -29.94 -23.43
N ASN C 80 -13.97 -29.29 -23.10
CA ASN C 80 -13.99 -27.95 -22.54
C ASN C 80 -14.77 -27.99 -21.24
N ALA C 81 -14.06 -27.90 -20.12
CA ALA C 81 -14.69 -27.93 -18.79
C ALA C 81 -15.09 -26.51 -18.37
N ALA C 82 -16.00 -25.93 -19.15
CA ALA C 82 -16.37 -24.53 -18.98
C ALA C 82 -17.26 -24.33 -17.76
N LEU C 83 -16.92 -23.34 -16.94
CA LEU C 83 -17.73 -22.96 -15.80
C LEU C 83 -18.69 -21.85 -16.22
N GLN C 84 -19.98 -22.08 -16.08
CA GLN C 84 -21.01 -21.10 -16.40
C GLN C 84 -21.59 -20.55 -15.11
N ILE C 85 -21.44 -19.24 -14.91
CA ILE C 85 -22.01 -18.54 -13.77
C ILE C 85 -23.10 -17.61 -14.30
N THR C 86 -24.34 -17.87 -13.89
CA THR C 86 -25.46 -17.01 -14.27
C THR C 86 -25.70 -15.96 -13.21
N ASP C 87 -26.21 -14.81 -13.64
CA ASP C 87 -26.63 -13.74 -12.73
C ASP C 87 -25.48 -13.36 -11.78
N VAL C 88 -24.39 -12.90 -12.40
CA VAL C 88 -23.16 -12.65 -11.65
C VAL C 88 -23.35 -11.56 -10.62
N LYS C 89 -22.66 -11.69 -9.50
CA LYS C 89 -22.68 -10.73 -8.40
C LYS C 89 -21.30 -10.12 -8.22
N LEU C 90 -21.19 -9.20 -7.25
CA LEU C 90 -19.93 -8.53 -6.95
C LEU C 90 -18.97 -9.42 -6.18
N GLN C 91 -19.48 -10.43 -5.48
CA GLN C 91 -18.65 -11.40 -4.77
C GLN C 91 -18.06 -12.47 -5.69
N ASP C 92 -18.52 -12.52 -6.94
CA ASP C 92 -18.00 -13.49 -7.92
C ASP C 92 -16.65 -13.09 -8.48
N ALA C 93 -16.31 -11.80 -8.44
CA ALA C 93 -15.01 -11.35 -8.90
C ALA C 93 -13.89 -11.99 -8.09
N GLY C 94 -12.84 -12.39 -8.77
CA GLY C 94 -11.69 -12.98 -8.12
C GLY C 94 -10.93 -13.88 -9.08
N VAL C 95 -9.98 -14.62 -8.51
CA VAL C 95 -9.13 -15.54 -9.26
C VAL C 95 -9.74 -16.93 -9.15
N TYR C 96 -10.25 -17.45 -10.27
CA TYR C 96 -10.78 -18.80 -10.34
C TYR C 96 -9.67 -19.78 -10.74
N CYS C 97 -9.67 -20.95 -10.13
CA CYS C 97 -8.72 -22.00 -10.43
C CYS C 97 -9.45 -23.19 -11.03
N CYS C 98 -9.00 -23.62 -12.20
CA CYS C 98 -9.57 -24.77 -12.90
C CYS C 98 -8.57 -25.92 -12.78
N ILE C 99 -9.02 -27.02 -12.18
CA ILE C 99 -8.16 -28.17 -11.90
C ILE C 99 -8.77 -29.40 -12.54
N ILE C 100 -8.01 -30.06 -13.41
CA ILE C 100 -8.50 -31.20 -14.18
C ILE C 100 -7.56 -32.38 -13.99
N SER C 101 -8.14 -33.57 -13.91
CA SER C 101 -7.39 -34.83 -13.89
C SER C 101 -8.00 -35.75 -14.94
N TYR C 102 -7.22 -36.09 -15.96
CA TYR C 102 -7.70 -36.95 -17.04
C TYR C 102 -6.45 -37.49 -17.76
N GLY C 103 -5.98 -38.66 -17.34
CA GLY C 103 -4.72 -39.18 -17.83
C GLY C 103 -3.61 -38.17 -17.59
N GLY C 104 -3.50 -37.73 -16.35
CA GLY C 104 -2.65 -36.61 -15.98
C GLY C 104 -3.48 -35.48 -15.37
N ALA C 105 -2.75 -34.55 -14.75
CA ALA C 105 -3.37 -33.46 -14.01
C ALA C 105 -2.71 -32.14 -14.36
N ASP C 106 -3.48 -31.06 -14.20
CA ASP C 106 -2.98 -29.72 -14.46
C ASP C 106 -4.00 -28.74 -13.86
N TYR C 107 -3.60 -27.47 -13.81
CA TYR C 107 -4.48 -26.42 -13.33
C TYR C 107 -4.18 -25.15 -14.10
N LYS C 108 -5.18 -24.27 -14.16
CA LYS C 108 -5.02 -22.96 -14.80
C LYS C 108 -5.84 -21.94 -14.03
N ARG C 109 -5.23 -20.78 -13.75
CA ARG C 109 -5.89 -19.71 -13.03
C ARG C 109 -6.53 -18.74 -14.03
N ILE C 110 -7.70 -18.21 -13.65
CA ILE C 110 -8.49 -17.33 -14.50
C ILE C 110 -9.11 -16.25 -13.62
N THR C 111 -9.02 -15.00 -14.05
CA THR C 111 -9.51 -13.87 -13.26
C THR C 111 -10.84 -13.38 -13.81
N LEU C 112 -11.79 -13.11 -12.91
CA LEU C 112 -13.09 -12.56 -13.24
C LEU C 112 -13.21 -11.17 -12.63
N LYS C 113 -13.47 -10.18 -13.47
CA LYS C 113 -13.75 -8.82 -13.03
C LYS C 113 -15.23 -8.51 -13.28
N VAL C 114 -15.88 -7.89 -12.31
CA VAL C 114 -17.31 -7.58 -12.38
C VAL C 114 -17.48 -6.07 -12.22
N ASN C 115 -18.03 -5.44 -13.26
CA ASN C 115 -18.37 -4.02 -13.22
C ASN C 115 -19.77 -3.84 -12.64
N ALA C 116 -19.92 -2.85 -11.78
CA ALA C 116 -21.20 -2.56 -11.14
C ALA C 116 -22.01 -1.59 -11.98
N PRO C 117 -23.31 -1.44 -11.67
CA PRO C 117 -24.10 -0.32 -12.20
C PRO C 117 -23.65 1.03 -11.64
N PHE D 3 -2.86 5.97 -3.87
CA PHE D 3 -3.08 6.51 -2.53
C PHE D 3 -4.29 5.82 -1.90
N THR D 4 -4.06 5.14 -0.78
CA THR D 4 -5.10 4.39 -0.08
C THR D 4 -4.82 4.48 1.41
N ILE D 5 -5.90 4.68 2.19
CA ILE D 5 -5.98 4.89 3.65
C ILE D 5 -6.22 3.54 4.28
N THR D 6 -5.44 3.08 5.24
CA THR D 6 -5.73 1.83 5.92
C THR D 6 -6.41 2.11 7.26
N ALA D 7 -6.85 1.04 7.91
CA ALA D 7 -7.53 1.15 9.19
C ALA D 7 -7.46 -0.18 9.94
N PRO D 8 -6.80 -0.22 11.11
CA PRO D 8 -6.70 -1.51 11.83
C PRO D 8 -8.06 -2.05 12.23
N LYS D 9 -8.85 -1.25 12.92
CA LYS D 9 -10.14 -1.69 13.46
C LYS D 9 -11.21 -1.10 12.56
N ASP D 10 -12.09 -1.89 12.00
CA ASP D 10 -13.27 -1.44 11.28
C ASP D 10 -14.44 -1.18 12.20
N LEU D 11 -14.24 -1.36 13.51
CA LEU D 11 -15.31 -1.22 14.50
C LEU D 11 -14.66 -1.07 15.86
N TYR D 12 -15.14 -0.17 16.70
CA TYR D 12 -14.68 0.01 18.07
C TYR D 12 -15.85 -0.16 19.02
N VAL D 13 -15.65 -0.93 20.08
CA VAL D 13 -16.60 -1.09 21.17
C VAL D 13 -15.98 -0.47 22.41
N VAL D 14 -16.70 0.39 23.11
CA VAL D 14 -16.17 1.16 24.27
C VAL D 14 -17.27 1.39 25.26
N GLU D 15 -16.88 1.79 26.43
CA GLU D 15 -17.79 2.06 27.53
C GLU D 15 -18.09 3.54 27.66
N TYR D 16 -19.33 3.87 28.00
CA TYR D 16 -19.69 5.24 28.35
C TYR D 16 -18.69 5.83 29.34
N GLY D 17 -18.34 7.09 29.12
CA GLY D 17 -17.39 7.79 29.96
C GLY D 17 -15.93 7.56 29.64
N SER D 18 -15.62 6.52 28.87
CA SER D 18 -14.24 6.21 28.54
C SER D 18 -13.77 7.07 27.35
N ASN D 19 -12.52 6.88 26.95
CA ASN D 19 -11.97 7.53 25.78
C ASN D 19 -11.80 6.51 24.66
N VAL D 20 -11.80 7.01 23.42
CA VAL D 20 -11.53 6.17 22.25
C VAL D 20 -10.60 6.92 21.31
N THR D 21 -9.67 6.20 20.69
CA THR D 21 -8.84 6.71 19.61
C THR D 21 -9.02 5.78 18.42
N MET D 22 -9.60 6.30 17.34
CA MET D 22 -9.88 5.52 16.15
C MET D 22 -8.80 5.79 15.11
N GLU D 23 -8.02 4.74 14.79
CA GLU D 23 -6.87 4.90 13.92
C GLU D 23 -7.30 5.04 12.47
N CYS D 24 -6.56 5.85 11.71
CA CYS D 24 -6.81 6.06 10.28
C CYS D 24 -5.48 6.49 9.67
N ARG D 25 -4.78 5.54 9.04
CA ARG D 25 -3.42 5.76 8.56
C ARG D 25 -3.41 6.10 7.07
N PHE D 26 -2.44 6.91 6.68
CA PHE D 26 -2.26 7.34 5.31
C PHE D 26 -0.80 7.18 4.88
N PRO D 27 -0.54 7.08 3.57
CA PRO D 27 0.84 6.85 3.11
C PRO D 27 1.75 8.05 3.36
N VAL D 28 2.35 8.09 4.53
CA VAL D 28 3.29 9.16 4.87
C VAL D 28 4.61 8.89 4.17
N GLU D 29 5.32 9.95 3.83
CA GLU D 29 6.64 9.86 3.22
C GLU D 29 7.71 9.95 4.31
N ARG D 30 8.97 10.11 3.89
CA ARG D 30 10.05 10.35 4.84
C ARG D 30 10.12 11.81 5.27
N GLU D 31 9.46 12.70 4.53
CA GLU D 31 9.35 14.12 4.91
C GLU D 31 7.91 14.54 4.68
N LEU D 32 7.15 14.70 5.76
CA LEU D 32 5.74 15.05 5.68
C LEU D 32 5.57 16.57 5.64
N ASP D 33 4.71 17.02 4.74
CA ASP D 33 4.42 18.45 4.56
C ASP D 33 2.99 18.70 5.06
N LEU D 34 2.86 19.23 6.27
CA LEU D 34 1.54 19.48 6.85
C LEU D 34 0.68 20.35 5.95
N LEU D 35 1.30 21.26 5.20
CA LEU D 35 0.57 22.16 4.31
C LEU D 35 -0.04 21.45 3.10
N ALA D 36 0.31 20.19 2.88
CA ALA D 36 -0.27 19.38 1.82
C ALA D 36 -1.30 18.38 2.32
N LEU D 37 -1.58 18.39 3.62
CA LEU D 37 -2.42 17.39 4.25
C LEU D 37 -3.81 17.95 4.53
N VAL D 38 -4.83 17.16 4.22
CA VAL D 38 -6.21 17.48 4.54
C VAL D 38 -6.84 16.27 5.19
N VAL D 39 -7.48 16.48 6.34
CA VAL D 39 -8.17 15.42 7.07
C VAL D 39 -9.55 15.93 7.47
N TYR D 40 -10.57 15.13 7.18
CA TYR D 40 -11.91 15.33 7.73
C TYR D 40 -12.33 14.06 8.47
N TRP D 41 -13.06 14.24 9.58
CA TRP D 41 -13.79 13.17 10.25
C TRP D 41 -15.26 13.55 10.25
N GLU D 42 -16.12 12.59 9.91
CA GLU D 42 -17.56 12.81 9.82
C GLU D 42 -18.29 11.72 10.59
N LYS D 43 -19.56 12.00 10.92
CA LYS D 43 -20.43 11.00 11.55
C LYS D 43 -21.83 11.17 10.95
N GLU D 44 -22.12 10.40 9.91
CA GLU D 44 -23.42 10.41 9.25
C GLU D 44 -23.87 11.83 8.90
N ASP D 45 -23.04 12.48 8.08
CA ASP D 45 -23.26 13.81 7.54
C ASP D 45 -22.97 14.92 8.55
N GLU D 46 -22.52 14.60 9.76
CA GLU D 46 -22.04 15.61 10.71
C GLU D 46 -20.52 15.67 10.65
N GLN D 47 -19.98 16.89 10.68
CA GLN D 47 -18.54 17.08 10.71
C GLN D 47 -18.08 17.17 12.16
N VAL D 48 -17.18 16.27 12.58
CA VAL D 48 -16.65 16.15 13.93
C VAL D 48 -15.45 17.08 14.04
N ILE D 49 -14.54 17.04 13.10
CA ILE D 49 -13.29 17.81 13.13
C ILE D 49 -12.70 17.82 11.73
N GLN D 50 -11.85 18.81 11.47
CA GLN D 50 -11.15 18.89 10.19
C GLN D 50 -9.78 19.53 10.41
N PHE D 51 -8.83 19.18 9.55
CA PHE D 51 -7.47 19.71 9.58
C PHE D 51 -7.07 19.95 8.13
N VAL D 52 -6.99 21.22 7.73
CA VAL D 52 -6.84 21.60 6.33
C VAL D 52 -5.60 22.48 6.23
N ALA D 53 -4.51 21.94 5.70
CA ALA D 53 -3.28 22.69 5.49
C ALA D 53 -2.84 23.39 6.77
N GLY D 54 -2.82 22.63 7.87
CA GLY D 54 -2.37 23.13 9.14
C GLY D 54 -3.44 23.83 9.98
N GLU D 55 -4.58 24.17 9.39
CA GLU D 55 -5.63 24.90 10.09
C GLU D 55 -6.68 23.92 10.59
N GLU D 56 -6.76 23.75 11.90
CA GLU D 56 -7.73 22.86 12.51
C GLU D 56 -9.00 23.62 12.85
N ASP D 57 -10.13 22.93 12.76
CA ASP D 57 -11.42 23.55 13.01
C ASP D 57 -12.39 22.52 13.56
N LEU D 58 -13.14 22.91 14.59
CA LEU D 58 -14.12 22.02 15.21
C LEU D 58 -15.56 22.35 14.84
N LYS D 59 -15.80 23.46 14.14
CA LYS D 59 -17.13 23.85 13.70
C LYS D 59 -18.09 23.95 14.89
N PRO D 60 -17.62 24.45 16.04
CA PRO D 60 -18.45 24.59 17.25
C PRO D 60 -19.80 25.25 16.97
N HIS D 62 -23.13 24.75 18.73
CA HIS D 62 -23.72 23.61 19.43
C HIS D 62 -23.30 22.29 18.79
N SER D 63 -22.02 22.21 18.40
CA SER D 63 -21.49 20.94 17.92
C SER D 63 -21.50 19.93 19.07
N ASN D 64 -21.84 18.68 18.74
CA ASN D 64 -21.97 17.65 19.76
C ASN D 64 -20.64 17.09 20.23
N PHE D 65 -19.52 17.60 19.70
CA PHE D 65 -18.19 17.16 20.10
C PHE D 65 -17.37 18.30 20.72
N ARG D 66 -18.04 19.36 21.17
CA ARG D 66 -17.36 20.53 21.70
C ARG D 66 -16.33 20.16 22.75
N GLY D 67 -15.06 20.45 22.46
CA GLY D 67 -14.01 20.22 23.42
C GLY D 67 -13.87 18.78 23.87
N ARG D 68 -14.24 17.84 23.01
CA ARG D 68 -14.06 16.42 23.30
C ARG D 68 -13.39 15.66 22.16
N ALA D 69 -13.30 16.25 20.97
CA ALA D 69 -12.68 15.62 19.81
C ALA D 69 -11.38 16.34 19.46
N SER D 70 -10.37 15.56 19.10
CA SER D 70 -9.07 16.12 18.76
C SER D 70 -8.38 15.22 17.75
N LEU D 71 -7.34 15.78 17.11
CA LEU D 71 -6.42 15.03 16.26
C LEU D 71 -5.03 15.17 16.90
N PRO D 72 -4.63 14.24 17.78
CA PRO D 72 -3.30 14.34 18.37
C PRO D 72 -2.24 14.45 17.29
N LYS D 73 -1.42 15.50 17.37
CA LYS D 73 -0.45 15.77 16.31
C LYS D 73 0.77 14.86 16.38
N ASP D 74 1.05 14.26 17.54
CA ASP D 74 2.11 13.26 17.60
C ASP D 74 1.77 12.03 16.77
N GLN D 75 0.49 11.83 16.45
CA GLN D 75 0.08 10.76 15.54
C GLN D 75 -0.02 11.24 14.10
N LEU D 76 -0.51 12.46 13.87
CA LEU D 76 -0.54 13.02 12.53
C LEU D 76 0.84 12.94 11.87
N LEU D 77 1.89 13.27 12.64
CA LEU D 77 3.24 13.27 12.10
C LEU D 77 3.71 11.88 11.70
N LYS D 78 3.19 10.85 12.35
CA LYS D 78 3.58 9.47 12.08
C LYS D 78 2.71 8.83 11.00
N GLY D 79 1.84 9.60 10.36
CA GLY D 79 0.97 9.08 9.32
C GLY D 79 -0.32 8.48 9.81
N ASN D 80 -0.77 8.85 11.01
CA ASN D 80 -1.98 8.30 11.62
C ASN D 80 -2.90 9.46 11.98
N ALA D 81 -3.93 9.70 11.17
CA ALA D 81 -4.90 10.76 11.43
C ALA D 81 -5.97 10.26 12.40
N ALA D 82 -5.53 9.94 13.61
CA ALA D 82 -6.39 9.32 14.61
C ALA D 82 -7.35 10.35 15.23
N LEU D 83 -8.62 9.97 15.32
CA LEU D 83 -9.63 10.79 16.00
C LEU D 83 -9.73 10.33 17.46
N GLN D 84 -9.51 11.25 18.39
CA GLN D 84 -9.60 10.98 19.82
C GLN D 84 -10.86 11.62 20.37
N ILE D 85 -11.72 10.81 20.99
CA ILE D 85 -12.94 11.29 21.63
C ILE D 85 -12.84 10.98 23.12
N THR D 86 -12.84 12.02 23.95
CA THR D 86 -12.78 11.89 25.39
C THR D 86 -14.18 11.94 25.99
N ASP D 87 -14.38 11.18 27.07
CA ASP D 87 -15.63 11.20 27.83
C ASP D 87 -16.81 10.85 26.92
N VAL D 88 -16.74 9.66 26.34
CA VAL D 88 -17.68 9.25 25.30
C VAL D 88 -19.11 9.25 25.81
N LYS D 89 -20.04 9.61 24.92
CA LYS D 89 -21.47 9.57 25.19
C LYS D 89 -22.13 8.52 24.29
N LEU D 90 -23.36 8.14 24.67
CA LEU D 90 -24.11 7.20 23.84
C LEU D 90 -24.38 7.78 22.45
N GLN D 91 -24.51 9.11 22.36
CA GLN D 91 -24.72 9.75 21.07
C GLN D 91 -23.57 9.52 20.11
N ASP D 92 -22.36 9.33 20.63
CA ASP D 92 -21.19 9.17 19.79
C ASP D 92 -21.24 7.90 18.94
N ALA D 93 -22.03 6.91 19.35
CA ALA D 93 -22.15 5.68 18.58
C ALA D 93 -22.65 5.98 17.17
N GLY D 94 -22.07 5.31 16.19
CA GLY D 94 -22.47 5.47 14.81
C GLY D 94 -21.32 5.15 13.87
N VAL D 95 -21.51 5.48 12.61
CA VAL D 95 -20.54 5.18 11.56
C VAL D 95 -19.75 6.46 11.29
N TYR D 96 -18.47 6.44 11.64
CA TYR D 96 -17.57 7.54 11.38
C TYR D 96 -16.90 7.35 10.02
N CYS D 97 -16.67 8.47 9.35
CA CYS D 97 -15.98 8.49 8.06
C CYS D 97 -14.70 9.31 8.19
N CYS D 98 -13.58 8.70 7.81
CA CYS D 98 -12.28 9.33 7.84
C CYS D 98 -11.85 9.63 6.40
N ILE D 99 -11.71 10.91 6.08
CA ILE D 99 -11.39 11.36 4.72
C ILE D 99 -10.06 12.09 4.77
N ILE D 100 -9.12 11.65 3.93
CA ILE D 100 -7.77 12.22 3.90
C ILE D 100 -7.41 12.58 2.46
N SER D 101 -6.68 13.69 2.31
CA SER D 101 -6.10 14.08 1.02
C SER D 101 -4.63 14.43 1.26
N TYR D 102 -3.73 13.62 0.70
CA TYR D 102 -2.29 13.86 0.77
C TYR D 102 -1.71 13.31 -0.53
N GLY D 103 -1.49 14.20 -1.49
CA GLY D 103 -1.26 13.77 -2.86
C GLY D 103 -2.58 13.37 -3.49
N GLY D 104 -3.07 12.18 -3.15
CA GLY D 104 -4.38 11.73 -3.52
C GLY D 104 -5.35 11.73 -2.34
N ALA D 105 -6.53 11.14 -2.58
CA ALA D 105 -7.62 11.19 -1.62
C ALA D 105 -8.29 9.83 -1.50
N ASP D 106 -8.83 9.56 -0.32
CA ASP D 106 -9.50 8.29 -0.03
C ASP D 106 -10.29 8.45 1.27
N TYR D 107 -11.11 7.45 1.58
CA TYR D 107 -11.93 7.49 2.78
C TYR D 107 -12.18 6.08 3.30
N LYS D 108 -12.42 5.99 4.60
CA LYS D 108 -12.73 4.72 5.27
C LYS D 108 -13.81 4.94 6.31
N ARG D 109 -14.84 4.10 6.28
CA ARG D 109 -15.87 4.12 7.31
C ARG D 109 -15.41 3.29 8.51
N ILE D 110 -15.77 3.76 9.71
CA ILE D 110 -15.43 3.10 10.96
C ILE D 110 -16.62 3.23 11.89
N THR D 111 -17.00 2.13 12.54
CA THR D 111 -18.17 2.10 13.40
C THR D 111 -17.75 2.17 14.87
N LEU D 112 -18.49 2.96 15.64
CA LEU D 112 -18.28 3.07 17.08
C LEU D 112 -19.53 2.56 17.79
N LYS D 113 -19.32 1.70 18.78
CA LYS D 113 -20.39 1.16 19.62
C LYS D 113 -20.10 1.53 21.07
N VAL D 114 -21.13 1.99 21.77
CA VAL D 114 -20.99 2.49 23.14
C VAL D 114 -21.91 1.69 24.04
N ASN D 115 -21.33 1.00 25.02
CA ASN D 115 -22.09 0.25 26.01
C ASN D 115 -22.48 1.16 27.17
N ALA D 116 -23.72 1.02 27.64
CA ALA D 116 -24.23 1.83 28.74
C ALA D 116 -23.75 1.28 30.08
N PRO D 117 -23.82 2.09 31.16
CA PRO D 117 -23.33 1.65 32.47
C PRO D 117 -23.86 0.29 32.89
N PHE E 3 47.79 -25.65 -2.25
CA PHE E 3 46.63 -25.80 -1.38
C PHE E 3 45.59 -24.72 -1.70
N THR E 4 44.38 -25.16 -2.05
CA THR E 4 43.31 -24.26 -2.47
C THR E 4 41.99 -24.86 -2.04
N ILE E 5 41.11 -24.03 -1.47
CA ILE E 5 39.80 -24.49 -1.01
C ILE E 5 38.75 -24.13 -2.05
N THR E 6 37.79 -25.04 -2.24
CA THR E 6 36.81 -24.96 -3.31
C THR E 6 35.42 -24.76 -2.71
N ALA E 7 34.74 -23.70 -3.11
CA ALA E 7 33.36 -23.46 -2.72
C ALA E 7 32.47 -23.58 -3.95
N PRO E 8 31.75 -24.69 -4.14
CA PRO E 8 30.97 -24.82 -5.39
C PRO E 8 29.92 -23.74 -5.54
N LYS E 9 29.15 -23.49 -4.49
CA LYS E 9 28.25 -22.35 -4.44
C LYS E 9 28.95 -21.16 -3.81
N ASP E 10 28.88 -20.00 -4.47
CA ASP E 10 29.41 -18.76 -3.95
C ASP E 10 28.29 -17.84 -3.44
N LEU E 11 27.06 -18.33 -3.41
CA LEU E 11 25.90 -17.52 -3.06
C LEU E 11 24.79 -18.45 -2.59
N TYR E 12 24.23 -18.15 -1.42
CA TYR E 12 23.11 -18.91 -0.87
C TYR E 12 21.95 -17.96 -0.62
N VAL E 13 20.78 -18.29 -1.17
CA VAL E 13 19.55 -17.55 -0.93
C VAL E 13 18.64 -18.42 -0.08
N VAL E 14 18.26 -17.97 1.13
CA VAL E 14 17.42 -18.76 2.06
C VAL E 14 16.35 -17.85 2.65
N GLU E 15 15.36 -18.46 3.28
CA GLU E 15 14.20 -17.83 3.90
C GLU E 15 14.43 -17.61 5.39
N TYR E 16 13.94 -16.47 5.90
CA TYR E 16 13.95 -16.20 7.33
C TYR E 16 13.41 -17.39 8.10
N GLY E 17 14.07 -17.73 9.20
CA GLY E 17 13.66 -18.84 10.03
C GLY E 17 14.20 -20.20 9.60
N SER E 18 14.75 -20.32 8.40
CA SER E 18 15.22 -21.59 7.90
C SER E 18 16.66 -21.85 8.35
N ASN E 19 17.21 -22.99 7.95
CA ASN E 19 18.60 -23.32 8.17
C ASN E 19 19.37 -23.22 6.84
N VAL E 20 20.69 -23.03 6.96
CA VAL E 20 21.56 -23.01 5.79
C VAL E 20 22.88 -23.69 6.16
N THR E 21 23.44 -24.43 5.21
CA THR E 21 24.76 -25.04 5.34
C THR E 21 25.60 -24.60 4.16
N MET E 22 26.62 -23.79 4.42
CA MET E 22 27.46 -23.21 3.37
C MET E 22 28.73 -24.04 3.24
N GLU E 23 28.89 -24.71 2.11
CA GLU E 23 30.00 -25.63 1.91
C GLU E 23 31.31 -24.87 1.72
N CYS E 24 32.38 -25.48 2.21
CA CYS E 24 33.73 -24.95 2.09
C CYS E 24 34.67 -26.15 2.18
N ARG E 25 35.11 -26.65 1.02
CA ARG E 25 35.86 -27.89 0.95
C ARG E 25 37.36 -27.61 0.87
N PHE E 26 38.15 -28.50 1.44
CA PHE E 26 39.62 -28.40 1.43
C PHE E 26 40.16 -29.76 1.02
N PRO E 27 41.34 -29.84 0.41
CA PRO E 27 41.84 -31.12 0.01
C PRO E 27 42.50 -31.86 1.18
N VAL E 28 42.12 -33.10 1.43
CA VAL E 28 42.75 -33.95 2.47
C VAL E 28 43.60 -34.96 1.70
N GLU E 29 44.91 -35.03 1.90
CA GLU E 29 45.83 -35.93 1.17
C GLU E 29 45.93 -37.33 1.79
N ARG E 30 44.81 -38.03 1.93
CA ARG E 30 44.72 -39.40 2.50
C ARG E 30 45.45 -39.44 3.83
N GLU E 31 44.89 -38.74 4.80
CA GLU E 31 45.38 -38.46 6.17
C GLU E 31 44.44 -37.37 6.64
N LEU E 32 43.83 -37.45 7.81
CA LEU E 32 42.95 -36.34 8.20
C LEU E 32 43.24 -36.19 9.66
N ASP E 33 44.31 -35.49 9.98
CA ASP E 33 44.64 -35.25 11.36
C ASP E 33 43.86 -34.00 11.72
N LEU E 34 42.91 -34.07 12.66
CA LEU E 34 42.14 -32.93 13.17
C LEU E 34 43.06 -32.00 13.93
N LEU E 35 44.20 -32.48 14.42
CA LEU E 35 45.14 -31.63 15.14
C LEU E 35 45.94 -30.72 14.21
N ALA E 36 45.93 -30.99 12.91
CA ALA E 36 46.61 -30.18 11.92
C ALA E 36 45.67 -29.24 11.18
N LEU E 37 44.41 -29.18 11.59
CA LEU E 37 43.38 -28.44 10.90
C LEU E 37 43.05 -27.16 11.64
N VAL E 38 42.88 -26.07 10.89
CA VAL E 38 42.40 -24.81 11.43
C VAL E 38 41.31 -24.29 10.50
N VAL E 39 40.15 -23.96 11.07
CA VAL E 39 39.03 -23.41 10.32
C VAL E 39 38.54 -22.17 11.06
N TYR E 40 38.40 -21.06 10.33
CA TYR E 40 37.68 -19.90 10.82
C TYR E 40 36.55 -19.57 9.84
N TRP E 41 35.42 -19.12 10.36
CA TRP E 41 34.37 -18.50 9.58
C TRP E 41 34.17 -17.08 10.08
N GLU E 42 34.19 -16.09 9.21
CA GLU E 42 34.03 -14.69 9.57
C GLU E 42 32.87 -14.15 8.76
N LYS E 43 32.27 -13.09 9.24
CA LYS E 43 31.20 -12.36 8.56
C LYS E 43 31.50 -10.87 8.70
N GLU E 44 32.20 -10.32 7.72
CA GLU E 44 32.52 -8.89 7.68
C GLU E 44 33.21 -8.45 8.97
N ASP E 45 34.39 -9.01 9.21
CA ASP E 45 35.23 -8.67 10.35
C ASP E 45 34.58 -9.02 11.69
N GLU E 46 33.66 -9.98 11.69
CA GLU E 46 33.08 -10.53 12.91
C GLU E 46 33.24 -12.03 12.83
N GLN E 47 33.94 -12.62 13.80
CA GLN E 47 34.10 -14.07 13.82
C GLN E 47 32.76 -14.71 14.16
N VAL E 48 32.41 -15.80 13.50
CA VAL E 48 31.20 -16.58 13.84
C VAL E 48 31.65 -17.85 14.54
N ILE E 49 32.69 -18.55 14.09
CA ILE E 49 33.10 -19.81 14.70
C ILE E 49 34.54 -20.10 14.28
N GLN E 50 35.25 -20.87 15.10
CA GLN E 50 36.61 -21.28 14.79
C GLN E 50 36.83 -22.69 15.33
N PHE E 51 37.71 -23.42 14.66
CA PHE E 51 38.06 -24.80 15.03
C PHE E 51 39.56 -24.92 14.85
N VAL E 52 40.29 -24.95 15.96
CA VAL E 52 41.75 -24.84 15.96
C VAL E 52 42.33 -26.08 16.61
N ALA E 53 42.89 -26.97 15.80
CA ALA E 53 43.57 -28.17 16.31
C ALA E 53 42.64 -28.96 17.24
N GLY E 54 41.38 -29.08 16.82
CA GLY E 54 40.40 -29.83 17.58
C GLY E 54 39.62 -29.02 18.60
N GLU E 55 40.07 -27.81 18.94
CA GLU E 55 39.42 -26.98 19.94
C GLU E 55 38.50 -25.99 19.23
N GLU E 56 37.20 -26.13 19.46
CA GLU E 56 36.20 -25.27 18.86
C GLU E 56 35.83 -24.16 19.84
N ASP E 57 35.87 -22.91 19.35
CA ASP E 57 35.50 -21.73 20.13
C ASP E 57 34.39 -21.05 19.33
N LEU E 58 33.14 -21.43 19.59
CA LEU E 58 32.01 -20.87 18.88
C LEU E 58 31.62 -19.49 19.39
N LYS E 59 32.32 -18.98 20.42
CA LYS E 59 32.04 -17.67 20.99
C LYS E 59 33.02 -16.66 20.44
N GLN E 61 33.69 -13.37 21.10
CA GLN E 61 33.03 -12.70 22.22
C GLN E 61 31.74 -13.46 22.50
N HIS E 62 30.59 -12.81 22.26
CA HIS E 62 29.28 -13.41 22.48
C HIS E 62 28.40 -12.99 21.30
N SER E 63 28.67 -13.56 20.13
CA SER E 63 28.18 -12.99 18.89
C SER E 63 26.66 -13.11 18.77
N ASN E 64 26.17 -12.65 17.62
CA ASN E 64 24.79 -12.76 17.22
C ASN E 64 24.41 -14.16 16.77
N PHE E 65 25.40 -15.01 16.46
CA PHE E 65 25.15 -16.41 16.12
C PHE E 65 25.25 -17.32 17.34
N ARG E 66 25.00 -16.80 18.54
CA ARG E 66 25.10 -17.57 19.77
C ARG E 66 24.24 -18.82 19.69
N GLY E 67 24.88 -19.98 19.85
CA GLY E 67 24.13 -21.23 19.80
C GLY E 67 23.26 -21.35 18.58
N ARG E 68 23.73 -20.85 17.44
CA ARG E 68 23.04 -20.99 16.17
C ARG E 68 24.00 -21.38 15.05
N ALA E 69 25.30 -21.31 15.27
CA ALA E 69 26.31 -21.65 14.28
C ALA E 69 27.08 -22.88 14.74
N SER E 70 27.41 -23.75 13.79
CA SER E 70 28.12 -24.98 14.11
C SER E 70 28.93 -25.43 12.90
N LEU E 71 29.86 -26.35 13.18
CA LEU E 71 30.64 -27.05 12.15
C LEU E 71 30.33 -28.53 12.29
N PRO E 72 29.32 -29.04 11.57
CA PRO E 72 29.04 -30.49 11.66
C PRO E 72 30.29 -31.30 11.38
N LYS E 73 30.62 -32.20 12.30
CA LYS E 73 31.87 -32.95 12.18
C LYS E 73 31.79 -34.09 11.18
N ASP E 74 30.58 -34.58 10.87
CA ASP E 74 30.46 -35.57 9.80
C ASP E 74 30.81 -34.95 8.45
N GLN E 75 30.81 -33.62 8.34
CA GLN E 75 31.30 -32.94 7.15
C GLN E 75 32.77 -32.57 7.27
N LEU E 76 33.21 -32.13 8.45
CA LEU E 76 34.64 -31.86 8.66
C LEU E 76 35.48 -33.06 8.23
N LEU E 77 35.07 -34.26 8.65
CA LEU E 77 35.85 -35.46 8.36
C LEU E 77 35.87 -35.81 6.88
N LYS E 78 34.88 -35.33 6.11
CA LYS E 78 34.85 -35.53 4.68
C LYS E 78 35.57 -34.41 3.91
N GLY E 79 36.26 -33.53 4.62
CA GLY E 79 36.96 -32.43 3.97
C GLY E 79 36.09 -31.26 3.62
N ASN E 80 34.95 -31.09 4.28
CA ASN E 80 34.01 -30.01 4.03
C ASN E 80 33.79 -29.26 5.33
N ALA E 81 34.41 -28.08 5.46
CA ALA E 81 34.29 -27.25 6.65
C ALA E 81 33.03 -26.39 6.57
N ALA E 82 31.89 -27.08 6.46
CA ALA E 82 30.63 -26.41 6.22
C ALA E 82 30.14 -25.67 7.47
N LEU E 83 29.64 -24.45 7.27
CA LEU E 83 29.08 -23.64 8.35
C LEU E 83 27.56 -23.80 8.33
N GLN E 84 27.01 -24.28 9.44
CA GLN E 84 25.58 -24.47 9.59
C GLN E 84 25.02 -23.38 10.49
N ILE E 85 24.08 -22.60 9.95
CA ILE E 85 23.38 -21.57 10.71
C ILE E 85 21.91 -21.98 10.78
N THR E 86 21.38 -22.07 12.00
CA THR E 86 19.98 -22.40 12.22
C THR E 86 19.18 -21.14 12.55
N ASP E 87 17.91 -21.16 12.18
CA ASP E 87 17.00 -20.03 12.37
C ASP E 87 17.62 -18.72 11.88
N VAL E 88 17.87 -18.68 10.56
CA VAL E 88 18.54 -17.52 9.98
C VAL E 88 17.67 -16.28 10.16
N LYS E 89 18.31 -15.19 10.55
CA LYS E 89 17.69 -13.88 10.71
C LYS E 89 18.14 -12.96 9.58
N LEU E 90 17.52 -11.78 9.50
CA LEU E 90 17.90 -10.83 8.47
C LEU E 90 19.34 -10.36 8.65
N GLN E 91 19.77 -10.17 9.90
CA GLN E 91 21.13 -9.73 10.16
C GLN E 91 22.17 -10.72 9.64
N ASP E 92 21.79 -11.98 9.45
CA ASP E 92 22.76 -12.98 8.99
C ASP E 92 23.16 -12.79 7.54
N ALA E 93 22.37 -12.07 6.76
CA ALA E 93 22.75 -11.78 5.37
C ALA E 93 24.07 -11.02 5.33
N GLY E 94 24.93 -11.38 4.40
CA GLY E 94 26.19 -10.70 4.24
C GLY E 94 27.23 -11.62 3.62
N VAL E 95 28.46 -11.15 3.62
CA VAL E 95 29.59 -11.84 2.98
C VAL E 95 30.34 -12.61 4.06
N TYR E 96 30.28 -13.93 3.98
CA TYR E 96 31.02 -14.81 4.86
C TYR E 96 32.37 -15.16 4.24
N CYS E 97 33.38 -15.30 5.10
CA CYS E 97 34.73 -15.67 4.69
C CYS E 97 35.10 -16.97 5.38
N CYS E 98 35.44 -17.99 4.59
CA CYS E 98 35.87 -19.29 5.11
C CYS E 98 37.38 -19.38 4.97
N ILE E 99 38.07 -19.53 6.10
CA ILE E 99 39.53 -19.56 6.15
C ILE E 99 39.95 -20.92 6.69
N ILE E 100 40.79 -21.62 5.92
CA ILE E 100 41.24 -22.96 6.30
C ILE E 100 42.76 -23.01 6.23
N SER E 101 43.36 -23.68 7.21
CA SER E 101 44.79 -24.01 7.19
C SER E 101 44.91 -25.52 7.41
N TYR E 102 45.42 -26.22 6.41
CA TYR E 102 45.68 -27.67 6.51
C TYR E 102 46.86 -27.94 5.60
N GLY E 103 48.07 -27.96 6.18
CA GLY E 103 49.28 -27.89 5.40
C GLY E 103 49.51 -26.45 4.97
N GLY E 104 48.78 -26.03 3.94
CA GLY E 104 48.75 -24.64 3.52
C GLY E 104 47.46 -23.96 3.92
N ALA E 105 47.29 -22.74 3.41
CA ALA E 105 46.18 -21.88 3.80
C ALA E 105 45.53 -21.23 2.58
N ASP E 106 44.23 -21.00 2.68
CA ASP E 106 43.46 -20.33 1.65
C ASP E 106 42.19 -19.79 2.27
N TYR E 107 41.52 -18.89 1.55
CA TYR E 107 40.23 -18.37 2.01
C TYR E 107 39.33 -18.10 0.82
N LYS E 108 38.03 -18.12 1.08
CA LYS E 108 36.99 -17.95 0.08
C LYS E 108 35.85 -17.16 0.68
N ARG E 109 35.32 -16.21 -0.09
CA ARG E 109 34.16 -15.43 0.32
C ARG E 109 32.89 -16.09 -0.21
N ILE E 110 31.84 -16.06 0.63
CA ILE E 110 30.54 -16.65 0.29
C ILE E 110 29.46 -15.69 0.78
N THR E 111 28.46 -15.43 -0.06
CA THR E 111 27.42 -14.48 0.24
C THR E 111 26.13 -15.19 0.66
N LEU E 112 25.49 -14.68 1.70
CA LEU E 112 24.20 -15.17 2.17
C LEU E 112 23.16 -14.07 1.99
N LYS E 113 22.08 -14.39 1.29
CA LYS E 113 20.93 -13.49 1.15
C LYS E 113 19.72 -14.12 1.83
N VAL E 114 18.98 -13.30 2.57
CA VAL E 114 17.88 -13.78 3.41
C VAL E 114 16.60 -13.06 2.99
N ASN E 115 15.62 -13.83 2.53
CA ASN E 115 14.32 -13.30 2.17
C ASN E 115 13.44 -13.23 3.42
N ALA E 116 12.75 -12.10 3.60
CA ALA E 116 11.81 -11.96 4.70
C ALA E 116 10.65 -12.91 4.51
N PRO E 117 9.85 -13.13 5.55
CA PRO E 117 8.68 -14.03 5.44
C PRO E 117 7.39 -13.32 5.06
N TYR E 118 7.43 -12.02 4.85
CA TYR E 118 6.22 -11.24 4.61
C TYR E 118 6.56 -9.91 3.96
N PHE F 3 18.26 15.51 3.32
CA PHE F 3 18.66 14.31 2.60
C PHE F 3 20.17 14.11 2.69
N THR F 4 20.59 12.97 3.25
CA THR F 4 22.00 12.69 3.46
C THR F 4 22.23 11.20 3.26
N ILE F 5 23.27 10.84 2.52
CA ILE F 5 23.62 9.44 2.27
C ILE F 5 24.71 9.03 3.23
N THR F 6 24.64 7.78 3.68
CA THR F 6 25.53 7.25 4.72
C THR F 6 26.41 6.17 4.12
N ALA F 7 27.73 6.34 4.26
CA ALA F 7 28.70 5.32 3.87
C ALA F 7 29.41 4.84 5.14
N PRO F 8 29.03 3.69 5.69
CA PRO F 8 29.65 3.27 6.97
C PRO F 8 31.15 3.08 6.84
N LYS F 9 31.61 2.36 5.83
CA LYS F 9 33.03 2.18 5.58
C LYS F 9 33.54 3.27 4.65
N ASP F 10 34.57 3.99 5.09
CA ASP F 10 35.17 5.08 4.33
C ASP F 10 36.42 4.64 3.58
N LEU F 11 36.77 3.37 3.63
CA LEU F 11 37.97 2.86 2.97
C LEU F 11 37.86 1.35 2.83
N TYR F 12 38.10 0.85 1.62
CA TYR F 12 38.11 -0.58 1.34
C TYR F 12 39.51 -0.99 0.89
N VAL F 13 40.07 -2.01 1.53
CA VAL F 13 41.33 -2.63 1.14
C VAL F 13 41.01 -4.00 0.57
N VAL F 14 41.48 -4.34 -0.63
CA VAL F 14 41.16 -5.62 -1.31
C VAL F 14 42.40 -6.04 -2.08
N GLU F 15 42.37 -7.26 -2.54
CA GLU F 15 43.49 -7.91 -3.22
C GLU F 15 43.20 -8.03 -4.72
N TYR F 16 44.22 -7.77 -5.53
CA TYR F 16 44.14 -7.95 -6.98
C TYR F 16 43.41 -9.24 -7.33
N GLY F 17 42.54 -9.17 -8.33
CA GLY F 17 41.76 -10.31 -8.77
C GLY F 17 40.49 -10.57 -7.99
N SER F 18 40.34 -9.97 -6.81
CA SER F 18 39.17 -10.21 -5.97
C SER F 18 38.01 -9.30 -6.41
N ASN F 19 36.89 -9.40 -5.69
CA ASN F 19 35.75 -8.53 -5.89
C ASN F 19 35.63 -7.56 -4.71
N VAL F 20 34.91 -6.46 -4.94
CA VAL F 20 34.59 -5.50 -3.89
C VAL F 20 33.17 -5.02 -4.12
N THR F 21 32.46 -4.76 -3.02
CA THR F 21 31.16 -4.08 -3.06
C THR F 21 31.23 -2.93 -2.06
N MET F 22 31.18 -1.70 -2.57
CA MET F 22 31.33 -0.49 -1.74
C MET F 22 29.95 0.10 -1.49
N GLU F 23 29.55 0.11 -0.21
CA GLU F 23 28.20 0.46 0.17
C GLU F 23 28.00 1.98 0.18
N CYS F 24 26.80 2.39 -0.22
CA CYS F 24 26.43 3.80 -0.29
C CYS F 24 24.91 3.87 -0.12
N ARG F 25 24.48 4.17 1.10
CA ARG F 25 23.06 4.07 1.48
C ARG F 25 22.35 5.41 1.41
N PHE F 26 21.08 5.36 1.06
CA PHE F 26 20.23 6.55 1.02
C PHE F 26 18.90 6.27 1.70
N PRO F 27 18.31 7.30 2.34
CA PRO F 27 17.03 7.10 3.04
C PRO F 27 15.88 6.76 2.08
N VAL F 28 15.66 5.48 1.86
CA VAL F 28 14.65 5.02 0.92
C VAL F 28 13.27 5.13 1.56
N GLU F 29 12.26 5.39 0.74
CA GLU F 29 10.89 5.50 1.21
C GLU F 29 10.30 4.11 1.43
N ARG F 30 9.15 4.07 2.12
CA ARG F 30 8.41 2.81 2.23
C ARG F 30 8.14 2.23 0.85
N GLU F 31 7.71 3.07 -0.08
CA GLU F 31 7.55 2.71 -1.48
C GLU F 31 8.67 3.37 -2.27
N LEU F 32 9.64 2.58 -2.72
CA LEU F 32 10.73 3.08 -3.55
C LEU F 32 10.25 3.24 -4.98
N ASP F 33 10.40 4.44 -5.54
CA ASP F 33 10.03 4.75 -6.92
C ASP F 33 11.33 4.88 -7.72
N LEU F 34 11.68 3.82 -8.47
CA LEU F 34 12.94 3.81 -9.19
C LEU F 34 13.05 5.00 -10.15
N LEU F 35 11.92 5.47 -10.68
CA LEU F 35 11.94 6.59 -11.61
C LEU F 35 12.37 7.90 -10.96
N ALA F 36 12.44 7.94 -9.63
CA ALA F 36 12.85 9.13 -8.90
C ALA F 36 14.27 9.05 -8.39
N LEU F 37 15.01 8.01 -8.77
CA LEU F 37 16.33 7.73 -8.23
C LEU F 37 17.40 8.02 -9.27
N VAL F 38 18.45 8.72 -8.86
CA VAL F 38 19.62 8.97 -9.69
C VAL F 38 20.86 8.60 -8.89
N VAL F 39 21.71 7.75 -9.47
CA VAL F 39 22.94 7.32 -8.84
C VAL F 39 24.08 7.47 -9.83
N TYR F 40 25.16 8.13 -9.41
CA TYR F 40 26.40 8.14 -10.16
C TYR F 40 27.52 7.61 -9.26
N TRP F 41 28.44 6.85 -9.86
CA TRP F 41 29.71 6.50 -9.26
C TRP F 41 30.81 7.02 -10.17
N GLU F 42 31.80 7.69 -9.60
CA GLU F 42 32.92 8.19 -10.39
C GLU F 42 34.20 8.04 -9.58
N LYS F 43 35.31 7.95 -10.30
CA LYS F 43 36.63 7.73 -9.71
C LYS F 43 37.56 8.82 -10.24
N GLU F 44 37.59 9.95 -9.55
CA GLU F 44 38.47 11.06 -9.89
C GLU F 44 38.25 11.49 -11.35
N ASP F 45 37.03 11.96 -11.61
CA ASP F 45 36.61 12.50 -12.91
C ASP F 45 36.34 11.42 -13.95
N GLU F 46 36.53 10.13 -13.62
CA GLU F 46 36.04 9.05 -14.46
C GLU F 46 34.65 8.65 -14.01
N GLN F 47 33.70 8.54 -14.93
CA GLN F 47 32.42 7.95 -14.58
C GLN F 47 32.54 6.44 -14.66
N VAL F 48 32.24 5.75 -13.55
CA VAL F 48 32.26 4.30 -13.53
C VAL F 48 30.94 3.71 -14.01
N ILE F 49 29.83 4.25 -13.49
CA ILE F 49 28.51 3.75 -13.81
C ILE F 49 27.51 4.82 -13.40
N GLN F 50 26.32 4.78 -14.00
CA GLN F 50 25.24 5.67 -13.60
C GLN F 50 23.91 4.92 -13.71
N PHE F 51 22.99 5.30 -12.84
CA PHE F 51 21.61 4.79 -12.85
C PHE F 51 20.70 6.00 -12.77
N VAL F 52 20.07 6.36 -13.88
CA VAL F 52 19.30 7.60 -13.99
C VAL F 52 17.87 7.20 -14.33
N ALA F 53 17.00 7.24 -13.32
CA ALA F 53 15.57 6.97 -13.50
C ALA F 53 15.34 5.67 -14.24
N GLY F 54 15.97 4.61 -13.75
CA GLY F 54 15.80 3.28 -14.30
C GLY F 54 16.70 2.94 -15.47
N GLU F 55 17.25 3.93 -16.16
CA GLU F 55 18.16 3.70 -17.28
C GLU F 55 19.58 3.69 -16.74
N GLU F 56 20.25 2.53 -16.78
CA GLU F 56 21.62 2.36 -16.33
C GLU F 56 22.52 2.47 -17.56
N ASP F 57 23.72 2.95 -17.40
CA ASP F 57 24.66 3.12 -18.50
C ASP F 57 26.07 3.21 -17.94
N LEU F 58 27.00 2.52 -18.59
CA LEU F 58 28.42 2.68 -18.30
C LEU F 58 29.01 3.65 -19.32
N LYS F 59 28.64 4.92 -19.15
CA LYS F 59 28.77 5.98 -20.14
C LYS F 59 29.94 5.80 -21.09
N PRO F 60 31.19 5.83 -20.62
CA PRO F 60 32.31 5.67 -21.56
C PRO F 60 32.19 4.35 -22.33
N GLN F 61 32.04 4.46 -23.65
CA GLN F 61 31.99 3.28 -24.49
C GLN F 61 33.17 2.35 -24.18
N HIS F 62 34.38 2.90 -24.28
CA HIS F 62 35.59 2.17 -23.92
C HIS F 62 36.03 2.58 -22.51
N SER F 63 35.20 2.22 -21.54
CA SER F 63 35.51 2.52 -20.14
C SER F 63 36.56 1.54 -19.60
N ASN F 64 37.21 1.95 -18.51
CA ASN F 64 38.12 1.04 -17.82
C ASN F 64 37.37 -0.01 -17.01
N PHE F 65 36.07 0.17 -16.82
CA PHE F 65 35.25 -0.75 -16.02
C PHE F 65 34.31 -1.56 -16.88
N ARG F 66 34.58 -1.66 -18.18
CA ARG F 66 33.72 -2.41 -19.10
C ARG F 66 33.40 -3.78 -18.54
N GLY F 67 32.12 -4.01 -18.28
CA GLY F 67 31.64 -5.31 -17.86
C GLY F 67 32.17 -5.81 -16.53
N ARG F 68 32.78 -4.91 -15.75
CA ARG F 68 33.24 -5.26 -14.41
C ARG F 68 32.55 -4.48 -13.30
N ALA F 69 31.77 -3.46 -13.63
CA ALA F 69 31.08 -2.64 -12.65
C ALA F 69 29.58 -2.80 -12.80
N SER F 70 28.88 -2.88 -11.68
CA SER F 70 27.44 -3.07 -11.68
C SER F 70 26.86 -2.46 -10.41
N LEU F 71 25.54 -2.26 -10.43
CA LEU F 71 24.77 -1.82 -9.27
C LEU F 71 23.73 -2.90 -8.97
N PRO F 72 24.07 -3.90 -8.15
CA PRO F 72 23.10 -4.97 -7.87
C PRO F 72 21.78 -4.38 -7.41
N LYS F 73 20.70 -4.80 -8.07
CA LYS F 73 19.40 -4.20 -7.82
C LYS F 73 18.74 -4.73 -6.56
N ASP F 74 19.19 -5.88 -6.04
CA ASP F 74 18.70 -6.32 -4.74
C ASP F 74 19.19 -5.43 -3.61
N GLN F 75 20.27 -4.66 -3.85
CA GLN F 75 20.75 -3.67 -2.89
C GLN F 75 20.15 -2.30 -3.14
N LEU F 76 19.99 -1.90 -4.41
CA LEU F 76 19.28 -0.67 -4.72
C LEU F 76 17.93 -0.63 -4.03
N LEU F 77 17.17 -1.72 -4.16
CA LEU F 77 15.81 -1.76 -3.60
C LEU F 77 15.83 -1.55 -2.09
N LYS F 78 16.88 -1.97 -1.41
CA LYS F 78 16.99 -1.81 0.03
C LYS F 78 17.52 -0.44 0.43
N GLY F 79 17.71 0.46 -0.52
CA GLY F 79 18.29 1.75 -0.22
C GLY F 79 19.80 1.77 -0.18
N ASN F 80 20.45 0.82 -0.85
CA ASN F 80 21.92 0.72 -0.88
C ASN F 80 22.36 0.73 -2.34
N ALA F 81 22.89 1.87 -2.79
CA ALA F 81 23.42 2.00 -4.14
C ALA F 81 24.87 1.53 -4.18
N ALA F 82 25.05 0.25 -3.89
CA ALA F 82 26.38 -0.34 -3.77
C ALA F 82 27.00 -0.55 -5.15
N LEU F 83 28.27 -0.17 -5.28
CA LEU F 83 29.05 -0.40 -6.50
C LEU F 83 29.83 -1.70 -6.35
N GLN F 84 29.60 -2.62 -7.28
CA GLN F 84 30.27 -3.92 -7.30
C GLN F 84 31.29 -3.93 -8.42
N ILE F 85 32.56 -4.14 -8.08
CA ILE F 85 33.63 -4.23 -9.06
C ILE F 85 34.21 -5.64 -9.00
N THR F 86 34.13 -6.37 -10.10
CA THR F 86 34.65 -7.74 -10.18
C THR F 86 36.04 -7.74 -10.79
N ASP F 87 36.84 -8.74 -10.41
CA ASP F 87 38.20 -8.91 -10.90
C ASP F 87 38.96 -7.58 -10.86
N VAL F 88 39.25 -7.17 -9.62
CA VAL F 88 39.81 -5.86 -9.36
C VAL F 88 41.24 -5.79 -9.89
N LYS F 89 41.61 -4.62 -10.40
CA LYS F 89 42.95 -4.35 -10.91
C LYS F 89 43.51 -3.13 -10.19
N LEU F 90 44.81 -2.91 -10.35
CA LEU F 90 45.47 -1.83 -9.61
C LEU F 90 44.91 -0.47 -10.01
N GLN F 91 44.58 -0.29 -11.28
CA GLN F 91 44.02 0.97 -11.74
C GLN F 91 42.75 1.34 -11.00
N ASP F 92 42.03 0.36 -10.45
CA ASP F 92 40.80 0.64 -9.73
C ASP F 92 41.04 1.38 -8.42
N ALA F 93 42.21 1.24 -7.83
CA ALA F 93 42.54 1.99 -6.63
C ALA F 93 42.34 3.47 -6.87
N GLY F 94 41.78 4.16 -5.87
CA GLY F 94 41.59 5.58 -5.94
C GLY F 94 40.40 6.03 -5.12
N VAL F 95 40.08 7.30 -5.26
CA VAL F 95 38.98 7.92 -4.52
C VAL F 95 37.72 7.85 -5.37
N TYR F 96 36.79 7.01 -4.97
CA TYR F 96 35.48 6.94 -5.61
C TYR F 96 34.54 7.95 -4.98
N CYS F 97 33.61 8.45 -5.79
CA CYS F 97 32.58 9.37 -5.31
C CYS F 97 31.22 8.78 -5.66
N CYS F 98 30.37 8.61 -4.64
CA CYS F 98 29.02 8.12 -4.81
C CYS F 98 28.07 9.31 -4.73
N ILE F 99 27.29 9.53 -5.78
CA ILE F 99 26.40 10.68 -5.90
C ILE F 99 24.99 10.18 -6.12
N ILE F 100 24.07 10.56 -5.23
CA ILE F 100 22.70 10.10 -5.28
C ILE F 100 21.75 11.29 -5.25
N SER F 101 20.66 11.18 -6.00
CA SER F 101 19.57 12.15 -5.96
C SER F 101 18.26 11.38 -5.79
N TYR F 102 17.61 11.56 -4.64
CA TYR F 102 16.31 10.92 -4.35
C TYR F 102 15.55 11.92 -3.49
N GLY F 103 14.76 12.76 -4.15
CA GLY F 103 14.19 13.94 -3.50
C GLY F 103 15.22 15.06 -3.47
N GLY F 104 16.21 14.91 -2.59
CA GLY F 104 17.39 15.74 -2.59
C GLY F 104 18.60 15.01 -3.13
N ALA F 105 19.78 15.60 -2.89
CA ALA F 105 21.03 15.09 -3.44
C ALA F 105 22.15 15.18 -2.41
N ASP F 106 23.10 14.27 -2.53
CA ASP F 106 24.26 14.23 -1.64
C ASP F 106 25.35 13.40 -2.30
N TYR F 107 26.56 13.47 -1.73
CA TYR F 107 27.67 12.66 -2.23
C TYR F 107 28.58 12.28 -1.08
N LYS F 108 29.29 11.16 -1.26
CA LYS F 108 30.28 10.68 -0.30
C LYS F 108 31.48 10.15 -1.06
N ARG F 109 32.68 10.50 -0.60
CA ARG F 109 33.92 9.96 -1.14
C ARG F 109 34.28 8.68 -0.41
N ILE F 110 34.80 7.71 -1.16
CA ILE F 110 35.21 6.41 -0.65
C ILE F 110 36.51 6.03 -1.33
N THR F 111 37.49 5.59 -0.54
CA THR F 111 38.80 5.24 -1.06
C THR F 111 38.92 3.72 -1.21
N LEU F 112 39.47 3.29 -2.34
CA LEU F 112 39.77 1.89 -2.59
C LEU F 112 41.28 1.71 -2.67
N LYS F 113 41.81 0.77 -1.92
CA LYS F 113 43.21 0.35 -1.99
C LYS F 113 43.26 -1.07 -2.53
N VAL F 114 44.20 -1.34 -3.42
CA VAL F 114 44.35 -2.65 -4.05
C VAL F 114 45.77 -3.13 -3.80
N ASN F 115 45.90 -4.27 -3.12
CA ASN F 115 47.20 -4.87 -2.88
C ASN F 115 47.51 -5.89 -3.97
N ALA F 116 48.76 -5.85 -4.46
CA ALA F 116 49.24 -6.88 -5.37
C ALA F 116 49.75 -8.08 -4.58
N PRO F 117 49.90 -9.23 -5.24
CA PRO F 117 50.64 -10.34 -4.61
C PRO F 117 52.08 -9.92 -4.32
N TYR F 118 52.74 -10.68 -3.47
CA TYR F 118 54.14 -10.42 -3.15
C TYR F 118 55.04 -11.24 -4.09
N PHE G 3 15.08 15.92 8.53
CA PHE G 3 14.58 17.08 9.26
C PHE G 3 14.36 16.71 10.72
N THR G 4 15.04 17.43 11.62
CA THR G 4 14.95 17.20 13.06
C THR G 4 15.13 18.53 13.77
N ILE G 5 14.34 18.74 14.82
CA ILE G 5 14.24 19.96 15.65
C ILE G 5 15.24 19.80 16.78
N THR G 6 15.92 20.84 17.19
CA THR G 6 16.88 20.75 18.28
C THR G 6 16.46 21.71 19.40
N ALA G 7 16.22 21.15 20.58
CA ALA G 7 15.90 21.93 21.77
C ALA G 7 17.08 21.82 22.74
N PRO G 8 17.97 22.81 22.80
CA PRO G 8 19.17 22.65 23.64
C PRO G 8 18.83 22.42 25.11
N LYS G 9 17.94 23.24 25.66
CA LYS G 9 17.38 22.98 26.98
C LYS G 9 16.08 22.20 26.83
N ASP G 10 15.94 21.13 27.61
CA ASP G 10 14.72 20.34 27.66
C ASP G 10 13.95 20.58 28.95
N LEU G 11 14.41 21.48 29.80
CA LEU G 11 13.72 21.81 31.05
C LEU G 11 14.02 23.25 31.44
N TYR G 12 13.03 24.04 31.76
CA TYR G 12 13.17 25.42 32.22
C TYR G 12 12.59 25.53 33.62
N VAL G 13 13.36 26.09 34.54
CA VAL G 13 12.92 26.41 35.90
C VAL G 13 12.84 27.93 36.01
N VAL G 14 11.69 28.49 36.39
CA VAL G 14 11.49 29.96 36.45
C VAL G 14 10.63 30.27 37.65
N GLU G 15 10.61 31.54 38.02
CA GLU G 15 9.89 32.08 39.17
C GLU G 15 8.53 32.64 38.75
N TYR G 16 7.55 32.49 39.63
CA TYR G 16 6.24 33.09 39.43
C TYR G 16 6.37 34.58 39.14
N GLY G 17 5.62 35.05 38.15
CA GLY G 17 5.67 36.43 37.74
C GLY G 17 6.73 36.76 36.71
N SER G 18 7.72 35.90 36.54
CA SER G 18 8.81 36.14 35.61
C SER G 18 8.38 35.76 34.19
N ASN G 19 9.28 36.00 33.24
CA ASN G 19 9.08 35.60 31.85
C ASN G 19 9.99 34.41 31.54
N VAL G 20 9.60 33.66 30.51
CA VAL G 20 10.39 32.53 30.03
C VAL G 20 10.32 32.51 28.51
N THR G 21 11.44 32.16 27.88
CA THR G 21 11.50 31.95 26.43
C THR G 21 12.09 30.56 26.22
N MET G 22 11.30 29.65 25.67
CA MET G 22 11.71 28.27 25.45
C MET G 22 12.14 28.09 24.00
N GLU G 23 13.42 27.80 23.80
CA GLU G 23 13.96 27.69 22.45
C GLU G 23 13.49 26.39 21.81
N CYS G 24 13.25 26.45 20.50
CA CYS G 24 12.92 25.26 19.72
C CYS G 24 13.37 25.55 18.28
N ARG G 25 14.52 25.01 17.90
CA ARG G 25 15.19 25.39 16.68
C ARG G 25 14.93 24.38 15.57
N PHE G 26 14.84 24.90 14.34
CA PHE G 26 14.68 24.08 13.15
C PHE G 26 15.66 24.54 12.09
N PRO G 27 16.16 23.61 11.27
CA PRO G 27 17.22 23.97 10.30
C PRO G 27 16.66 24.69 9.09
N VAL G 28 17.33 25.78 8.70
CA VAL G 28 17.01 26.48 7.46
C VAL G 28 18.19 26.30 6.50
N GLU G 29 18.11 25.28 5.64
CA GLU G 29 19.21 25.01 4.71
C GLU G 29 19.63 26.27 3.97
N ARG G 30 18.73 26.92 3.26
CA ARG G 30 19.07 28.16 2.53
C ARG G 30 17.81 28.95 2.23
N GLU G 31 17.61 30.15 2.78
CA GLU G 31 16.47 31.11 2.59
C GLU G 31 15.25 30.63 3.39
N LEU G 32 14.43 31.55 3.86
CA LEU G 32 13.27 31.19 4.69
C LEU G 32 11.99 31.57 3.96
N ASP G 33 11.10 30.60 3.70
CA ASP G 33 9.78 30.90 3.14
C ASP G 33 8.75 30.74 4.26
N LEU G 34 8.30 31.87 4.81
CA LEU G 34 7.34 31.83 5.91
C LEU G 34 6.04 31.13 5.51
N LEU G 35 5.71 31.12 4.21
CA LEU G 35 4.50 30.46 3.74
C LEU G 35 4.61 28.94 3.76
N ALA G 36 5.81 28.41 3.93
CA ALA G 36 6.04 26.97 4.04
C ALA G 36 6.20 26.51 5.48
N LEU G 37 6.14 27.42 6.44
CA LEU G 37 6.47 27.14 7.83
C LEU G 37 5.19 26.95 8.64
N VAL G 38 5.18 25.90 9.46
CA VAL G 38 4.09 25.63 10.39
C VAL G 38 4.70 25.38 11.77
N VAL G 39 4.19 26.07 12.78
CA VAL G 39 4.63 25.92 14.16
C VAL G 39 3.41 25.78 15.05
N TYR G 40 3.40 24.76 15.88
CA TYR G 40 2.43 24.64 16.97
C TYR G 40 3.17 24.49 18.29
N TRP G 41 2.64 25.12 19.34
CA TRP G 41 3.04 24.84 20.71
C TRP G 41 1.82 24.33 21.46
N GLU G 42 1.95 23.14 22.04
CA GLU G 42 0.92 22.54 22.87
C GLU G 42 1.39 22.49 24.32
N LYS G 43 0.44 22.34 25.23
CA LYS G 43 0.75 22.10 26.64
C LYS G 43 -0.20 21.00 27.14
N GLU G 44 0.30 19.76 27.16
CA GLU G 44 -0.49 18.61 27.59
C GLU G 44 -1.83 18.57 26.84
N ASP G 45 -1.72 18.50 25.52
CA ASP G 45 -2.89 18.44 24.63
C ASP G 45 -3.83 19.62 24.90
N GLU G 46 -3.33 20.83 24.71
CA GLU G 46 -4.08 22.10 24.87
C GLU G 46 -3.27 23.13 24.09
N GLN G 47 -3.81 23.76 23.04
CA GLN G 47 -3.05 24.66 22.17
C GLN G 47 -2.73 25.96 22.89
N VAL G 48 -1.46 26.37 22.86
CA VAL G 48 -0.94 27.63 23.40
C VAL G 48 -0.93 28.64 22.25
N ILE G 49 -0.32 28.31 21.12
CA ILE G 49 -0.15 29.22 19.99
C ILE G 49 0.17 28.40 18.75
N GLN G 50 -0.16 28.97 17.58
CA GLN G 50 0.17 28.35 16.31
C GLN G 50 0.53 29.42 15.29
N PHE G 51 1.41 29.05 14.35
CA PHE G 51 1.83 29.90 13.24
C PHE G 51 1.80 29.05 11.98
N VAL G 52 0.81 29.30 11.12
CA VAL G 52 0.53 28.45 9.97
C VAL G 52 0.60 29.30 8.71
N ALA G 53 1.69 29.15 7.95
CA ALA G 53 1.83 29.83 6.67
C ALA G 53 1.64 31.34 6.80
N GLY G 54 2.27 31.91 7.81
CA GLY G 54 2.21 33.32 8.06
C GLY G 54 1.08 33.80 8.93
N GLU G 55 0.07 32.96 9.16
CA GLU G 55 -1.09 33.32 9.96
C GLU G 55 -0.92 32.78 11.39
N GLU G 56 -0.99 33.67 12.37
CA GLU G 56 -0.89 33.32 13.77
C GLU G 56 -2.28 33.27 14.40
N ASP G 57 -2.43 32.44 15.43
CA ASP G 57 -3.73 32.21 16.04
C ASP G 57 -3.58 31.91 17.52
N LEU G 58 -4.40 32.48 18.40
CA LEU G 58 -4.37 32.16 19.86
C LEU G 58 -5.79 31.70 20.21
N LYS G 59 -6.21 30.55 19.69
CA LYS G 59 -7.54 29.98 19.81
C LYS G 59 -8.03 30.11 21.25
N PRO G 60 -8.98 31.03 21.51
CA PRO G 60 -9.49 31.41 22.84
C PRO G 60 -10.38 30.37 23.49
N SER G 63 -8.43 31.41 27.00
CA SER G 63 -7.69 30.19 26.64
C SER G 63 -6.43 30.05 27.49
N ASN G 64 -6.54 30.40 28.77
CA ASN G 64 -5.45 30.29 29.73
C ASN G 64 -4.32 31.28 29.42
N PHE G 65 -3.71 31.17 28.24
CA PHE G 65 -2.58 32.04 27.88
C PHE G 65 -3.01 33.32 27.19
N ARG G 66 -4.15 33.89 27.56
CA ARG G 66 -4.66 35.08 26.90
C ARG G 66 -3.68 36.23 26.96
N GLY G 67 -3.14 36.62 25.82
CA GLY G 67 -2.24 37.77 25.76
C GLY G 67 -1.02 37.63 26.63
N ARG G 68 -0.56 36.40 26.84
CA ARG G 68 0.66 36.14 27.60
C ARG G 68 1.66 35.26 26.83
N ALA G 69 1.27 34.76 25.64
CA ALA G 69 2.11 33.89 24.84
C ALA G 69 2.34 34.51 23.48
N SER G 70 3.58 34.37 22.97
CA SER G 70 3.93 34.94 21.68
C SER G 70 5.03 34.11 21.03
N LEU G 71 5.13 34.23 19.74
CA LEU G 71 6.13 33.52 18.99
C LEU G 71 6.93 34.61 18.35
N PRO G 72 8.06 35.37 19.02
CA PRO G 72 8.84 36.48 18.46
C PRO G 72 9.35 36.16 17.07
N LYS G 73 9.02 37.01 16.09
CA LYS G 73 9.36 36.71 14.71
C LYS G 73 10.83 36.94 14.42
N ASP G 74 11.49 37.84 15.16
CA ASP G 74 12.93 38.00 14.99
C ASP G 74 13.69 36.73 15.34
N GLN G 75 13.04 35.80 16.08
CA GLN G 75 13.61 34.48 16.33
C GLN G 75 13.17 33.47 15.29
N LEU G 76 11.90 33.53 14.85
CA LEU G 76 11.44 32.70 13.76
C LEU G 76 12.36 32.82 12.56
N LEU G 77 12.69 34.05 12.17
CA LEU G 77 13.51 34.29 10.99
C LEU G 77 14.88 33.65 11.12
N LYS G 78 15.38 33.51 12.34
CA LYS G 78 16.68 32.88 12.57
C LYS G 78 16.58 31.36 12.70
N GLY G 79 15.39 30.79 12.54
CA GLY G 79 15.20 29.37 12.68
C GLY G 79 14.87 28.91 14.08
N ASN G 80 14.45 29.82 14.96
CA ASN G 80 14.16 29.51 16.35
C ASN G 80 12.70 29.82 16.62
N ALA G 81 11.87 28.77 16.72
CA ALA G 81 10.45 28.93 17.01
C ALA G 81 10.24 29.00 18.52
N ALA G 82 10.76 30.08 19.10
CA ALA G 82 10.79 30.22 20.56
C ALA G 82 9.43 30.68 21.08
N LEU G 83 8.93 29.99 22.10
CA LEU G 83 7.71 30.39 22.77
C LEU G 83 8.05 31.28 23.96
N GLN G 84 7.41 32.44 24.02
CA GLN G 84 7.68 33.44 25.04
C GLN G 84 6.43 33.62 25.90
N ILE G 85 6.53 33.28 27.17
CA ILE G 85 5.44 33.42 28.13
C ILE G 85 5.80 34.49 29.14
N THR G 86 4.92 35.47 29.32
CA THR G 86 5.12 36.55 30.27
C THR G 86 4.22 36.36 31.48
N ASP G 87 4.61 37.02 32.59
CA ASP G 87 3.87 36.96 33.84
C ASP G 87 3.47 35.51 34.16
N VAL G 88 4.49 34.64 34.13
CA VAL G 88 4.27 33.20 34.24
C VAL G 88 3.57 32.87 35.55
N LYS G 89 2.67 31.89 35.49
CA LYS G 89 1.85 31.48 36.63
C LYS G 89 2.05 30.00 36.92
N LEU G 90 1.51 29.55 38.07
CA LEU G 90 1.70 28.17 38.48
C LEU G 90 1.02 27.21 37.50
N GLN G 91 -0.14 27.59 36.96
CA GLN G 91 -0.80 26.76 35.96
C GLN G 91 0.10 26.48 34.77
N ASP G 92 1.03 27.38 34.48
CA ASP G 92 1.86 27.27 33.28
C ASP G 92 2.86 26.12 33.36
N ALA G 93 3.13 25.60 34.55
CA ALA G 93 4.02 24.45 34.68
C ALA G 93 3.44 23.26 33.93
N GLY G 94 4.32 22.48 33.30
CA GLY G 94 3.89 21.27 32.63
C GLY G 94 4.81 20.95 31.45
N VAL G 95 4.35 19.99 30.65
CA VAL G 95 5.10 19.48 29.51
C VAL G 95 4.59 20.19 28.26
N TYR G 96 5.44 21.04 27.68
CA TYR G 96 5.13 21.70 26.42
C TYR G 96 5.65 20.87 25.26
N CYS G 97 4.91 20.88 24.15
CA CYS G 97 5.28 20.17 22.93
C CYS G 97 5.44 21.18 21.82
N CYS G 98 6.60 21.18 21.18
CA CYS G 98 6.93 22.08 20.09
C CYS G 98 6.92 21.31 18.79
N ILE G 99 5.98 21.62 17.90
CA ILE G 99 5.74 20.88 16.67
C ILE G 99 6.00 21.82 15.50
N ILE G 100 6.92 21.43 14.61
CA ILE G 100 7.32 22.27 13.49
C ILE G 100 7.23 21.46 12.20
N SER G 101 6.75 22.11 11.13
CA SER G 101 6.77 21.53 9.79
C SER G 101 7.42 22.54 8.84
N TYR G 102 8.55 22.15 8.26
CA TYR G 102 9.24 22.98 7.26
C TYR G 102 9.99 21.99 6.35
N GLY G 103 9.37 21.64 5.23
CA GLY G 103 9.83 20.52 4.44
C GLY G 103 9.36 19.22 5.04
N GLY G 104 9.99 18.82 6.15
CA GLY G 104 9.52 17.73 6.97
C GLY G 104 8.98 18.21 8.30
N ALA G 105 8.74 17.26 9.20
CA ALA G 105 8.08 17.55 10.46
C ALA G 105 8.75 16.81 11.60
N ASP G 106 8.70 17.42 12.79
CA ASP G 106 9.28 16.86 14.00
C ASP G 106 8.63 17.56 15.19
N TYR G 107 8.83 16.98 16.38
CA TYR G 107 8.32 17.59 17.60
C TYR G 107 9.26 17.27 18.76
N LYS G 108 9.28 18.17 19.75
CA LYS G 108 10.14 18.03 20.91
C LYS G 108 9.37 18.44 22.16
N ARG G 109 9.46 17.63 23.21
CA ARG G 109 8.83 17.93 24.48
C ARG G 109 9.78 18.72 25.37
N ILE G 110 9.23 19.72 26.06
CA ILE G 110 9.99 20.61 26.93
C ILE G 110 9.19 20.85 28.18
N THR G 111 9.82 20.73 29.34
CA THR G 111 9.15 20.83 30.63
C THR G 111 9.43 22.19 31.27
N LEU G 112 8.38 22.78 31.85
CA LEU G 112 8.47 24.04 32.57
C LEU G 112 8.12 23.82 34.02
N LYS G 113 9.00 24.24 34.92
CA LYS G 113 8.74 24.22 36.36
C LYS G 113 8.66 25.66 36.86
N VAL G 114 7.68 25.94 37.71
CA VAL G 114 7.43 27.28 38.21
C VAL G 114 7.52 27.26 39.73
N ASN G 115 8.47 28.02 40.27
CA ASN G 115 8.63 28.16 41.72
C ASN G 115 7.74 29.27 42.23
N ALA G 116 7.10 29.03 43.38
CA ALA G 116 6.24 30.01 43.99
C ALA G 116 7.05 30.98 44.86
N PRO G 117 6.48 32.12 45.22
CA PRO G 117 7.10 32.96 46.25
C PRO G 117 7.13 32.22 47.59
N TYR G 118 7.86 32.81 48.54
CA TYR G 118 8.04 32.20 49.85
C TYR G 118 7.08 32.80 50.88
N PHE H 3 -53.81 1.05 17.33
CA PHE H 3 -52.47 0.50 17.14
C PHE H 3 -51.91 0.91 15.78
N THR H 4 -50.73 1.52 15.80
CA THR H 4 -50.06 2.00 14.60
C THR H 4 -48.56 1.96 14.84
N ILE H 5 -47.80 1.48 13.86
CA ILE H 5 -46.34 1.41 13.98
C ILE H 5 -45.72 2.61 13.28
N THR H 6 -44.62 3.12 13.85
CA THR H 6 -43.99 4.34 13.39
C THR H 6 -42.60 4.02 12.84
N ALA H 7 -42.35 4.42 11.61
CA ALA H 7 -41.03 4.28 10.97
C ALA H 7 -40.50 5.68 10.69
N PRO H 8 -39.62 6.22 11.55
CA PRO H 8 -39.17 7.61 11.33
C PRO H 8 -38.52 7.80 9.97
N LYS H 9 -37.55 6.95 9.64
CA LYS H 9 -36.96 6.94 8.30
C LYS H 9 -37.75 5.98 7.42
N ASP H 10 -38.11 6.46 6.22
CA ASP H 10 -38.85 5.71 5.21
C ASP H 10 -37.95 5.36 4.03
N LEU H 11 -36.65 5.58 4.16
CA LEU H 11 -35.73 5.34 3.05
C LEU H 11 -34.32 5.30 3.65
N TYR H 12 -33.53 4.28 3.38
CA TYR H 12 -32.15 4.13 3.82
C TYR H 12 -31.25 4.00 2.60
N VAL H 13 -30.19 4.80 2.56
CA VAL H 13 -29.15 4.73 1.53
C VAL H 13 -27.87 4.24 2.18
N VAL H 14 -27.30 3.15 1.68
CA VAL H 14 -26.12 2.52 2.33
C VAL H 14 -25.23 1.96 1.25
N GLU H 15 -23.98 1.69 1.59
CA GLU H 15 -22.93 1.23 0.71
C GLU H 15 -22.82 -0.29 0.73
N TYR H 16 -22.52 -0.86 -0.44
CA TYR H 16 -22.22 -2.29 -0.54
C TYR H 16 -21.20 -2.68 0.53
N GLY H 17 -21.44 -3.84 1.14
CA GLY H 17 -20.55 -4.36 2.17
C GLY H 17 -20.81 -3.86 3.57
N SER H 18 -21.52 -2.75 3.71
CA SER H 18 -21.77 -2.16 5.02
C SER H 18 -22.92 -2.89 5.72
N ASN H 19 -23.28 -2.40 6.90
CA ASN H 19 -24.45 -2.86 7.63
C ASN H 19 -25.52 -1.78 7.62
N VAL H 20 -26.77 -2.21 7.80
CA VAL H 20 -27.90 -1.30 7.92
C VAL H 20 -28.85 -1.86 8.98
N THR H 21 -29.47 -0.95 9.72
CA THR H 21 -30.50 -1.30 10.69
C THR H 21 -31.70 -0.40 10.43
N MET H 22 -32.83 -1.00 10.05
CA MET H 22 -34.03 -0.26 9.68
C MET H 22 -35.02 -0.28 10.85
N GLU H 23 -35.32 0.90 11.38
CA GLU H 23 -36.18 1.02 12.54
C GLU H 23 -37.63 0.72 12.19
N CYS H 24 -38.33 0.04 13.09
CA CYS H 24 -39.77 -0.20 12.95
C CYS H 24 -40.34 -0.36 14.36
N ARG H 25 -40.91 0.72 14.88
CA ARG H 25 -41.30 0.81 16.28
C ARG H 25 -42.79 0.52 16.47
N PHE H 26 -43.11 -0.09 17.61
CA PHE H 26 -44.48 -0.39 17.98
C PHE H 26 -44.72 -0.01 19.44
N PRO H 27 -45.93 0.44 19.77
CA PRO H 27 -46.20 0.88 21.14
C PRO H 27 -46.38 -0.27 22.11
N VAL H 28 -45.90 -0.06 23.34
CA VAL H 28 -45.98 -1.04 24.42
C VAL H 28 -46.62 -0.31 25.60
N GLU H 29 -47.97 -0.35 25.69
CA GLU H 29 -48.82 0.30 26.72
C GLU H 29 -48.18 0.31 28.12
N ARG H 30 -47.95 -0.87 28.73
CA ARG H 30 -47.39 -0.98 30.10
C ARG H 30 -46.23 -1.98 30.14
N GLU H 31 -46.49 -3.26 29.90
CA GLU H 31 -45.46 -4.35 29.96
C GLU H 31 -45.32 -5.02 28.59
N LEU H 32 -44.23 -5.75 28.39
CA LEU H 32 -43.91 -6.48 27.14
C LEU H 32 -44.07 -7.98 27.37
N ASP H 33 -44.83 -8.69 26.51
CA ASP H 33 -45.09 -10.14 26.57
C ASP H 33 -44.68 -10.67 25.21
N LEU H 34 -43.48 -11.17 25.06
CA LEU H 34 -42.96 -11.65 23.78
C LEU H 34 -43.87 -12.69 23.15
N LEU H 35 -44.61 -13.45 23.97
CA LEU H 35 -45.52 -14.45 23.44
C LEU H 35 -46.72 -13.84 22.72
N ALA H 36 -46.95 -12.54 22.89
CA ALA H 36 -48.03 -11.84 22.21
C ALA H 36 -47.54 -11.04 21.00
N LEU H 37 -46.26 -11.12 20.68
CA LEU H 37 -45.66 -10.31 19.63
C LEU H 37 -45.44 -11.14 18.37
N VAL H 38 -45.79 -10.55 17.23
CA VAL H 38 -45.55 -11.15 15.92
C VAL H 38 -44.92 -10.08 15.03
N VAL H 39 -43.78 -10.41 14.44
CA VAL H 39 -43.07 -9.52 13.53
C VAL H 39 -42.75 -10.27 12.25
N TYR H 40 -43.07 -9.66 11.11
CA TYR H 40 -42.59 -10.14 9.82
C TYR H 40 -41.87 -9.02 9.09
N TRP H 41 -40.81 -9.36 8.38
CA TRP H 41 -40.13 -8.46 7.45
C TRP H 41 -40.13 -9.14 6.09
N GLU H 42 -40.65 -8.44 5.08
CA GLU H 42 -40.69 -8.96 3.72
C GLU H 42 -40.02 -7.96 2.77
N LYS H 43 -39.61 -8.46 1.60
CA LYS H 43 -38.98 -7.62 0.58
C LYS H 43 -39.57 -8.05 -0.77
N GLU H 44 -40.69 -7.43 -1.14
CA GLU H 44 -41.34 -7.71 -2.42
C GLU H 44 -41.62 -9.21 -2.57
N ASP H 45 -42.40 -9.72 -1.63
CA ASP H 45 -42.96 -11.06 -1.58
C ASP H 45 -41.97 -12.15 -1.18
N GLU H 46 -40.70 -11.85 -0.94
CA GLU H 46 -39.78 -12.80 -0.35
C GLU H 46 -39.57 -12.42 1.12
N GLN H 47 -39.86 -13.34 2.02
CA GLN H 47 -39.77 -13.08 3.45
C GLN H 47 -38.32 -13.19 3.91
N VAL H 48 -37.85 -12.18 4.65
CA VAL H 48 -36.48 -12.04 5.16
C VAL H 48 -36.39 -12.73 6.53
N ILE H 49 -37.26 -12.39 7.44
CA ILE H 49 -37.21 -12.87 8.82
C ILE H 49 -38.59 -12.77 9.45
N GLN H 50 -38.83 -13.58 10.48
CA GLN H 50 -40.07 -13.52 11.23
C GLN H 50 -39.79 -13.85 12.70
N PHE H 51 -40.62 -13.28 13.57
CA PHE H 51 -40.56 -13.52 15.02
C PHE H 51 -42.00 -13.70 15.47
N VAL H 52 -42.38 -14.93 15.81
CA VAL H 52 -43.78 -15.29 16.07
C VAL H 52 -43.85 -15.89 17.46
N ALA H 53 -44.37 -15.13 18.41
CA ALA H 53 -44.57 -15.61 19.77
C ALA H 53 -43.28 -16.19 20.35
N GLY H 54 -42.19 -15.45 20.17
CA GLY H 54 -40.90 -15.85 20.69
C GLY H 54 -40.08 -16.73 19.78
N GLU H 55 -40.67 -17.29 18.74
CA GLU H 55 -39.97 -18.19 17.83
C GLU H 55 -39.55 -17.42 16.58
N GLU H 56 -38.24 -17.35 16.34
CA GLU H 56 -37.67 -16.67 15.19
C GLU H 56 -37.37 -17.69 14.09
N ASP H 57 -37.42 -17.22 12.85
CA ASP H 57 -37.24 -18.11 11.70
C ASP H 57 -36.79 -17.28 10.51
N LEU H 58 -35.75 -17.74 9.83
CA LEU H 58 -35.28 -17.08 8.60
C LEU H 58 -36.02 -17.67 7.39
N LYS H 59 -37.31 -17.28 7.29
CA LYS H 59 -38.24 -17.65 6.22
C LYS H 59 -37.90 -19.02 5.62
N PRO H 60 -37.35 -19.15 4.39
CA PRO H 60 -37.04 -20.52 3.93
C PRO H 60 -35.71 -21.09 4.45
N GLN H 61 -34.77 -20.20 4.75
CA GLN H 61 -33.40 -20.56 5.16
C GLN H 61 -32.51 -20.91 3.96
N HIS H 62 -33.13 -21.19 2.81
CA HIS H 62 -32.43 -21.10 1.53
C HIS H 62 -32.56 -19.71 0.92
N SER H 63 -32.89 -18.72 1.73
CA SER H 63 -33.15 -17.37 1.29
C SER H 63 -31.83 -16.64 1.00
N ASN H 64 -31.96 -15.45 0.42
CA ASN H 64 -30.82 -14.61 0.11
C ASN H 64 -30.37 -13.78 1.29
N PHE H 65 -30.87 -14.09 2.49
CA PHE H 65 -30.46 -13.44 3.73
C PHE H 65 -29.88 -14.47 4.70
N ARG H 66 -29.33 -15.55 4.16
CA ARG H 66 -28.74 -16.63 4.95
C ARG H 66 -27.70 -16.07 5.92
N GLY H 67 -28.03 -16.07 7.21
CA GLY H 67 -27.09 -15.59 8.21
C GLY H 67 -26.66 -14.16 8.04
N ARG H 68 -27.49 -13.34 7.39
CA ARG H 68 -27.21 -11.92 7.25
C ARG H 68 -28.32 -11.02 7.77
N ALA H 69 -29.40 -11.59 8.31
CA ALA H 69 -30.52 -10.82 8.81
C ALA H 69 -30.81 -11.23 10.25
N SER H 70 -31.18 -10.25 11.08
CA SER H 70 -31.44 -10.50 12.49
C SER H 70 -32.39 -9.44 13.02
N LEU H 71 -32.97 -9.74 14.20
CA LEU H 71 -33.79 -8.82 14.96
C LEU H 71 -33.14 -8.64 16.33
N PRO H 72 -32.24 -7.67 16.49
CA PRO H 72 -31.56 -7.50 17.78
C PRO H 72 -32.59 -7.32 18.89
N LYS H 73 -32.47 -8.16 19.93
CA LYS H 73 -33.46 -8.17 21.00
C LYS H 73 -33.31 -7.01 21.96
N ASP H 74 -32.12 -6.42 22.06
CA ASP H 74 -31.99 -5.18 22.84
C ASP H 74 -32.83 -4.06 22.25
N GLN H 75 -33.07 -4.12 20.93
CA GLN H 75 -33.97 -3.18 20.27
C GLN H 75 -35.41 -3.66 20.27
N LEU H 76 -35.65 -4.92 20.59
CA LEU H 76 -36.99 -5.50 20.56
C LEU H 76 -37.70 -5.37 21.90
N LEU H 77 -36.98 -5.60 22.99
CA LEU H 77 -37.54 -5.40 24.32
C LEU H 77 -37.81 -3.94 24.62
N LYS H 78 -37.37 -3.02 23.73
CA LYS H 78 -37.61 -1.60 23.90
C LYS H 78 -38.71 -1.06 23.00
N GLY H 79 -39.24 -1.88 22.10
CA GLY H 79 -40.29 -1.47 21.21
C GLY H 79 -39.89 -1.31 19.75
N ASN H 80 -38.67 -1.66 19.38
CA ASN H 80 -38.15 -1.47 18.03
C ASN H 80 -37.93 -2.85 17.40
N ALA H 81 -38.77 -3.20 16.44
CA ALA H 81 -38.59 -4.43 15.66
C ALA H 81 -37.65 -4.17 14.48
N ALA H 82 -36.43 -3.76 14.83
CA ALA H 82 -35.47 -3.31 13.84
C ALA H 82 -34.86 -4.49 13.09
N LEU H 83 -34.79 -4.38 11.77
CA LEU H 83 -34.17 -5.38 10.92
C LEU H 83 -32.72 -4.99 10.65
N GLN H 84 -31.79 -5.86 11.03
CA GLN H 84 -30.37 -5.64 10.82
C GLN H 84 -29.88 -6.54 9.69
N ILE H 85 -29.35 -5.94 8.64
CA ILE H 85 -28.75 -6.67 7.52
C ILE H 85 -27.26 -6.37 7.52
N THR H 86 -26.45 -7.41 7.67
CA THR H 86 -24.99 -7.29 7.65
C THR H 86 -24.47 -7.61 6.27
N ASP H 87 -23.36 -6.95 5.89
CA ASP H 87 -22.66 -7.23 4.64
C ASP H 87 -23.62 -7.12 3.44
N VAL H 88 -24.19 -5.92 3.30
CA VAL H 88 -25.23 -5.70 2.30
C VAL H 88 -24.71 -6.00 0.90
N LYS H 89 -25.62 -6.45 0.03
CA LYS H 89 -25.34 -6.70 -1.37
C LYS H 89 -26.30 -5.89 -2.22
N LEU H 90 -26.00 -5.80 -3.52
CA LEU H 90 -26.87 -5.06 -4.44
C LEU H 90 -28.28 -5.66 -4.45
N GLN H 91 -28.38 -6.99 -4.39
CA GLN H 91 -29.67 -7.65 -4.37
C GLN H 91 -30.55 -7.17 -3.24
N ASP H 92 -29.97 -6.63 -2.17
CA ASP H 92 -30.75 -6.24 -1.02
C ASP H 92 -31.57 -4.98 -1.26
N ALA H 93 -31.26 -4.21 -2.29
CA ALA H 93 -32.02 -3.00 -2.58
C ALA H 93 -33.46 -3.35 -2.97
N GLY H 94 -34.40 -2.55 -2.48
CA GLY H 94 -35.80 -2.76 -2.79
C GLY H 94 -36.68 -2.19 -1.70
N VAL H 95 -37.97 -2.56 -1.78
CA VAL H 95 -38.99 -2.10 -0.85
C VAL H 95 -39.20 -3.17 0.20
N TYR H 96 -38.87 -2.86 1.46
CA TYR H 96 -39.12 -3.75 2.58
C TYR H 96 -40.44 -3.40 3.25
N CYS H 97 -41.12 -4.42 3.76
CA CYS H 97 -42.38 -4.27 4.47
C CYS H 97 -42.22 -4.82 5.88
N CYS H 98 -42.52 -3.98 6.87
CA CYS H 98 -42.44 -4.37 8.28
C CYS H 98 -43.85 -4.55 8.82
N ILE H 99 -44.18 -5.77 9.22
CA ILE H 99 -45.52 -6.13 9.67
C ILE H 99 -45.43 -6.58 11.13
N ILE H 100 -46.24 -5.96 11.98
CA ILE H 100 -46.23 -6.24 13.42
C ILE H 100 -47.64 -6.49 13.91
N SER H 101 -47.78 -7.43 14.84
CA SER H 101 -49.05 -7.69 15.53
C SER H 101 -48.77 -7.71 17.03
N TYR H 102 -49.26 -6.68 17.74
CA TYR H 102 -49.13 -6.62 19.18
C TYR H 102 -50.30 -5.78 19.70
N GLY H 103 -51.36 -6.44 20.16
CA GLY H 103 -52.58 -5.75 20.50
C GLY H 103 -53.07 -4.92 19.32
N GLY H 104 -53.15 -5.57 18.17
CA GLY H 104 -53.43 -4.91 16.91
C GLY H 104 -52.31 -5.12 15.91
N ALA H 105 -52.62 -4.78 14.65
CA ALA H 105 -51.70 -5.05 13.55
C ALA H 105 -51.58 -3.83 12.63
N ASP H 106 -50.40 -3.70 12.03
CA ASP H 106 -50.07 -2.58 11.14
C ASP H 106 -48.86 -2.98 10.31
N TYR H 107 -48.62 -2.21 9.24
CA TYR H 107 -47.44 -2.46 8.41
C TYR H 107 -46.93 -1.15 7.83
N LYS H 108 -45.61 -1.08 7.64
CA LYS H 108 -44.95 0.10 7.09
C LYS H 108 -43.95 -0.34 6.03
N ARG H 109 -43.97 0.33 4.87
CA ARG H 109 -43.03 0.04 3.79
C ARG H 109 -41.82 0.96 3.90
N ILE H 110 -40.65 0.39 3.64
CA ILE H 110 -39.36 1.08 3.80
C ILE H 110 -38.46 0.70 2.63
N THR H 111 -37.83 1.69 2.01
CA THR H 111 -37.01 1.46 0.83
C THR H 111 -35.52 1.46 1.19
N LEU H 112 -34.80 0.51 0.62
CA LEU H 112 -33.35 0.42 0.76
C LEU H 112 -32.72 0.63 -0.61
N LYS H 113 -31.77 1.57 -0.68
CA LYS H 113 -30.94 1.78 -1.86
C LYS H 113 -29.51 1.41 -1.50
N VAL H 114 -28.83 0.71 -2.40
CA VAL H 114 -27.48 0.22 -2.17
C VAL H 114 -26.58 0.79 -3.25
N ASN H 115 -25.62 1.63 -2.85
CA ASN H 115 -24.64 2.17 -3.77
C ASN H 115 -23.51 1.18 -3.97
N ALA H 116 -23.08 1.01 -5.20
CA ALA H 116 -21.98 0.12 -5.50
C ALA H 116 -20.65 0.83 -5.22
N PRO H 117 -19.58 0.05 -5.01
CA PRO H 117 -18.26 0.66 -4.80
C PRO H 117 -17.59 1.10 -6.10
N TYR H 118 -18.10 0.65 -7.25
CA TYR H 118 -17.53 1.01 -8.54
C TYR H 118 -18.26 2.21 -9.12
N PHE I 3 -11.11 21.08 -20.12
CA PHE I 3 -11.78 20.80 -18.85
C PHE I 3 -13.24 21.22 -18.96
N THR I 4 -14.13 20.23 -18.84
CA THR I 4 -15.56 20.42 -19.03
C THR I 4 -16.29 19.75 -17.88
N ILE I 5 -17.28 20.42 -17.33
CA ILE I 5 -18.19 19.77 -16.39
C ILE I 5 -19.26 19.05 -17.19
N THR I 6 -19.64 17.86 -16.73
CA THR I 6 -20.76 17.11 -17.30
C THR I 6 -21.88 17.08 -16.27
N ALA I 7 -23.08 17.60 -16.62
CA ALA I 7 -24.30 17.61 -15.80
C ALA I 7 -25.32 16.74 -16.50
N PRO I 8 -25.44 15.43 -16.19
CA PRO I 8 -26.31 14.54 -16.94
C PRO I 8 -27.77 15.02 -16.92
N LYS I 9 -28.32 15.24 -15.74
CA LYS I 9 -29.69 15.77 -15.56
C LYS I 9 -29.52 17.28 -15.39
N ASP I 10 -30.05 18.10 -16.28
CA ASP I 10 -30.01 19.56 -16.18
C ASP I 10 -31.39 20.15 -15.86
N LEU I 11 -32.28 19.32 -15.32
CA LEU I 11 -33.57 19.77 -14.80
C LEU I 11 -34.01 18.75 -13.76
N TYR I 12 -34.29 19.23 -12.55
CA TYR I 12 -34.77 18.38 -11.46
C TYR I 12 -36.15 18.86 -11.03
N VAL I 13 -37.12 17.94 -11.03
CA VAL I 13 -38.47 18.19 -10.54
C VAL I 13 -38.63 17.41 -9.24
N VAL I 14 -38.92 18.07 -8.12
CA VAL I 14 -39.02 17.43 -6.79
C VAL I 14 -40.22 18.01 -6.06
N GLU I 15 -40.59 17.36 -4.98
CA GLU I 15 -41.73 17.70 -4.14
C GLU I 15 -41.29 18.46 -2.89
N TYR I 16 -42.13 19.40 -2.47
CA TYR I 16 -41.91 20.12 -1.21
C TYR I 16 -41.68 19.14 -0.07
N GLY I 17 -40.70 19.45 0.77
CA GLY I 17 -40.36 18.62 1.90
C GLY I 17 -39.37 17.51 1.59
N SER I 18 -39.16 17.18 0.33
CA SER I 18 -38.26 16.11 -0.05
C SER I 18 -36.81 16.61 -0.08
N ASN I 19 -35.90 15.72 -0.43
CA ASN I 19 -34.50 16.06 -0.66
C ASN I 19 -34.18 15.98 -2.15
N VAL I 20 -33.13 16.68 -2.55
CA VAL I 20 -32.64 16.64 -3.93
C VAL I 20 -31.12 16.71 -3.91
N THR I 21 -30.49 15.91 -4.76
CA THR I 21 -29.05 15.93 -4.96
C THR I 21 -28.79 16.17 -6.45
N MET I 22 -28.25 17.35 -6.76
CA MET I 22 -28.00 17.72 -8.15
C MET I 22 -26.55 17.38 -8.50
N GLU I 23 -26.37 16.53 -9.51
CA GLU I 23 -25.05 16.05 -9.87
C GLU I 23 -24.30 17.11 -10.69
N CYS I 24 -22.99 17.20 -10.45
CA CYS I 24 -22.12 18.12 -11.19
C CYS I 24 -20.73 17.50 -11.17
N ARG I 25 -20.36 16.84 -12.28
CA ARG I 25 -19.17 16.01 -12.33
C ARG I 25 -18.02 16.71 -13.03
N PHE I 26 -16.80 16.46 -12.53
CA PHE I 26 -15.58 16.99 -13.12
C PHE I 26 -14.55 15.88 -13.26
N PRO I 27 -13.66 15.99 -14.25
CA PRO I 27 -12.67 14.92 -14.48
C PRO I 27 -11.57 14.95 -13.42
N VAL I 28 -11.29 13.80 -12.84
CA VAL I 28 -10.28 13.65 -11.81
C VAL I 28 -9.02 13.07 -12.43
N GLU I 29 -7.84 13.51 -11.98
CA GLU I 29 -6.55 12.96 -12.41
C GLU I 29 -6.21 11.75 -11.52
N ARG I 30 -5.08 11.11 -11.77
CA ARG I 30 -4.64 9.94 -11.01
C ARG I 30 -4.82 10.16 -9.51
N GLU I 31 -4.30 11.27 -9.00
CA GLU I 31 -4.39 11.62 -7.59
C GLU I 31 -5.26 12.86 -7.44
N LEU I 32 -6.33 12.76 -6.67
CA LEU I 32 -7.18 13.93 -6.40
C LEU I 32 -6.59 14.72 -5.24
N ASP I 33 -6.33 16.00 -5.47
CA ASP I 33 -5.75 16.90 -4.48
C ASP I 33 -6.81 17.92 -4.07
N LEU I 34 -7.41 17.70 -2.90
CA LEU I 34 -8.50 18.57 -2.45
C LEU I 34 -8.05 20.02 -2.33
N LEU I 35 -6.75 20.25 -2.12
CA LEU I 35 -6.23 21.61 -2.01
C LEU I 35 -6.18 22.34 -3.34
N ALA I 36 -6.36 21.64 -4.45
CA ALA I 36 -6.42 22.25 -5.77
C ALA I 36 -7.83 22.41 -6.29
N LEU I 37 -8.83 22.06 -5.49
CA LEU I 37 -10.22 22.02 -5.92
C LEU I 37 -10.98 23.23 -5.37
N VAL I 38 -11.76 23.86 -6.25
CA VAL I 38 -12.64 24.96 -5.86
C VAL I 38 -14.03 24.68 -6.44
N VAL I 39 -15.04 24.71 -5.58
CA VAL I 39 -16.42 24.50 -6.00
C VAL I 39 -17.28 25.62 -5.43
N TYR I 40 -18.09 26.23 -6.29
CA TYR I 40 -19.14 27.14 -5.86
C TYR I 40 -20.47 26.65 -6.42
N TRP I 41 -21.54 26.82 -5.63
CA TRP I 41 -22.91 26.64 -6.08
C TRP I 41 -23.64 27.94 -5.82
N GLU I 42 -24.12 28.60 -6.88
CA GLU I 42 -24.91 29.82 -6.76
C GLU I 42 -26.37 29.51 -7.06
N LYS I 43 -27.29 30.47 -6.89
CA LYS I 43 -28.69 30.40 -7.31
C LYS I 43 -29.19 31.83 -7.52
N GLU I 44 -29.13 32.37 -8.74
CA GLU I 44 -29.73 33.67 -9.09
C GLU I 44 -29.19 34.80 -8.23
N ASP I 45 -27.90 35.07 -8.42
CA ASP I 45 -27.21 36.14 -7.71
C ASP I 45 -27.33 35.94 -6.20
N GLU I 46 -26.99 34.73 -5.75
CA GLU I 46 -26.98 34.34 -4.35
C GLU I 46 -26.08 33.12 -4.23
N GLN I 47 -25.38 33.01 -3.11
CA GLN I 47 -24.43 31.92 -2.89
C GLN I 47 -25.05 30.91 -1.92
N VAL I 48 -25.06 29.64 -2.32
CA VAL I 48 -25.61 28.52 -1.56
C VAL I 48 -24.50 27.93 -0.73
N ILE I 49 -23.39 27.55 -1.35
CA ILE I 49 -22.30 26.86 -0.66
C ILE I 49 -21.04 26.98 -1.50
N GLN I 50 -19.88 26.82 -0.86
CA GLN I 50 -18.59 26.85 -1.54
C GLN I 50 -17.63 25.89 -0.86
N PHE I 51 -16.66 25.40 -1.63
CA PHE I 51 -15.61 24.50 -1.13
C PHE I 51 -14.31 24.94 -1.81
N VAL I 52 -13.44 25.60 -1.05
CA VAL I 52 -12.27 26.27 -1.60
C VAL I 52 -11.03 25.71 -0.91
N ALA I 53 -10.26 24.89 -1.63
CA ALA I 53 -9.01 24.34 -1.12
C ALA I 53 -9.20 23.67 0.24
N GLY I 54 -10.26 22.87 0.33
CA GLY I 54 -10.56 22.13 1.53
C GLY I 54 -11.42 22.87 2.53
N GLU I 55 -11.67 24.16 2.35
CA GLU I 55 -12.42 24.97 3.30
C GLU I 55 -13.83 25.21 2.78
N GLU I 56 -14.81 24.64 3.48
CA GLU I 56 -16.22 24.81 3.15
C GLU I 56 -16.77 26.02 3.89
N ASP I 57 -17.80 26.63 3.31
CA ASP I 57 -18.41 27.81 3.91
C ASP I 57 -19.83 27.96 3.39
N LEU I 58 -20.78 28.11 4.31
CA LEU I 58 -22.18 28.30 3.93
C LEU I 58 -22.68 29.67 4.40
N SER I 63 -27.94 33.44 4.76
CA SER I 63 -28.28 32.55 3.65
C SER I 63 -29.61 31.84 3.91
N ASN I 64 -30.36 31.60 2.83
CA ASN I 64 -31.63 30.89 2.93
C ASN I 64 -31.47 29.38 2.96
N PHE I 65 -30.25 28.88 2.76
CA PHE I 65 -29.98 27.44 2.80
C PHE I 65 -29.32 27.02 4.11
N ARG I 66 -29.44 27.84 5.16
CA ARG I 66 -28.89 27.52 6.47
C ARG I 66 -29.32 26.13 6.92
N GLY I 67 -28.35 25.25 7.08
CA GLY I 67 -28.63 23.90 7.53
C GLY I 67 -29.49 23.09 6.58
N ARG I 68 -29.38 23.38 5.28
CA ARG I 68 -30.14 22.65 4.27
C ARG I 68 -29.33 22.32 3.03
N ALA I 69 -28.06 22.72 2.97
CA ALA I 69 -27.21 22.50 1.81
C ALA I 69 -25.89 21.87 2.24
N SER I 70 -25.42 20.90 1.46
CA SER I 70 -24.16 20.23 1.75
C SER I 70 -23.54 19.74 0.45
N LEU I 71 -22.25 19.43 0.53
CA LEU I 71 -21.49 18.80 -0.55
C LEU I 71 -20.96 17.47 -0.03
N PRO I 72 -21.74 16.38 -0.14
CA PRO I 72 -21.25 15.10 0.38
C PRO I 72 -19.87 14.79 -0.17
N LYS I 73 -18.92 14.51 0.74
CA LYS I 73 -17.54 14.34 0.34
C LYS I 73 -17.27 12.97 -0.27
N ASP I 74 -18.08 11.96 0.05
CA ASP I 74 -17.97 10.69 -0.65
C ASP I 74 -18.24 10.84 -2.14
N GLN I 75 -18.94 11.91 -2.54
CA GLN I 75 -19.14 12.24 -3.94
C GLN I 75 -17.99 13.10 -4.47
N LEU I 76 -17.60 14.13 -3.72
CA LEU I 76 -16.47 14.96 -4.11
C LEU I 76 -15.27 14.10 -4.49
N LEU I 77 -14.99 13.05 -3.70
CA LEU I 77 -13.82 12.22 -3.97
C LEU I 77 -13.96 11.45 -5.28
N LYS I 78 -15.19 11.16 -5.69
CA LYS I 78 -15.42 10.45 -6.94
C LYS I 78 -15.61 11.39 -8.12
N GLY I 79 -15.27 12.66 -7.96
CA GLY I 79 -15.40 13.62 -9.04
C GLY I 79 -16.78 14.16 -9.26
N ASN I 80 -17.64 14.12 -8.24
CA ASN I 80 -19.02 14.61 -8.33
C ASN I 80 -19.22 15.65 -7.23
N ALA I 81 -19.28 16.92 -7.63
CA ALA I 81 -19.52 18.01 -6.69
C ALA I 81 -21.03 18.24 -6.52
N ALA I 82 -21.69 17.20 -6.01
CA ALA I 82 -23.14 17.18 -5.93
C ALA I 82 -23.64 18.09 -4.81
N LEU I 83 -24.62 18.92 -5.12
CA LEU I 83 -25.28 19.77 -4.13
C LEU I 83 -26.50 19.04 -3.59
N GLN I 84 -26.51 18.80 -2.28
CA GLN I 84 -27.62 18.14 -1.61
C GLN I 84 -28.41 19.18 -0.82
N ILE I 85 -29.69 19.31 -1.14
CA ILE I 85 -30.59 20.20 -0.43
C ILE I 85 -31.63 19.35 0.28
N THR I 86 -31.68 19.44 1.61
CA THR I 86 -32.66 18.73 2.40
C THR I 86 -33.87 19.61 2.66
N ASP I 87 -35.04 18.97 2.76
CA ASP I 87 -36.27 19.65 3.17
C ASP I 87 -36.55 20.85 2.27
N VAL I 88 -36.70 20.57 0.97
CA VAL I 88 -36.80 21.63 -0.02
C VAL I 88 -38.05 22.48 0.21
N LYS I 89 -37.95 23.76 -0.16
CA LYS I 89 -39.02 24.72 -0.07
C LYS I 89 -39.28 25.33 -1.44
N LEU I 90 -40.41 26.04 -1.58
CA LEU I 90 -40.91 26.65 -2.84
C LEU I 90 -40.06 27.84 -3.29
N GLN I 91 -39.33 28.48 -2.37
CA GLN I 91 -38.48 29.67 -2.66
C GLN I 91 -37.12 29.29 -3.25
N ASP I 92 -36.73 28.01 -3.18
CA ASP I 92 -35.41 27.51 -3.68
C ASP I 92 -35.50 27.18 -5.18
N ALA I 93 -36.69 26.85 -5.67
CA ALA I 93 -36.94 26.55 -7.10
C ALA I 93 -36.31 27.69 -7.91
N GLY I 94 -35.48 27.39 -8.94
CA GLY I 94 -34.74 28.39 -9.68
C GLY I 94 -33.57 27.76 -10.40
N VAL I 95 -32.74 28.63 -10.98
CA VAL I 95 -31.60 28.22 -11.78
C VAL I 95 -30.36 28.22 -10.90
N TYR I 96 -29.83 27.03 -10.64
CA TYR I 96 -28.58 26.88 -9.90
C TYR I 96 -27.40 26.86 -10.87
N CYS I 97 -26.28 27.46 -10.44
CA CYS I 97 -25.05 27.49 -11.22
C CYS I 97 -23.97 26.74 -10.47
N CYS I 98 -23.34 25.75 -11.12
CA CYS I 98 -22.27 24.95 -10.55
C CYS I 98 -20.95 25.37 -11.18
N ILE I 99 -20.04 25.89 -10.37
CA ILE I 99 -18.78 26.47 -10.83
C ILE I 99 -17.65 25.69 -10.18
N ILE I 100 -16.75 25.13 -11.00
CA ILE I 100 -15.65 24.31 -10.51
C ILE I 100 -14.35 24.79 -11.11
N SER I 101 -13.29 24.76 -10.30
CA SER I 101 -11.93 25.05 -10.74
C SER I 101 -11.02 23.95 -10.21
N TYR I 102 -10.40 23.20 -11.13
CA TYR I 102 -9.54 22.07 -10.76
C TYR I 102 -8.69 21.70 -11.97
N GLY I 103 -7.57 22.39 -12.15
CA GLY I 103 -6.82 22.26 -13.39
C GLY I 103 -7.68 22.68 -14.57
N GLY I 104 -8.29 23.86 -14.44
CA GLY I 104 -9.25 24.34 -15.42
C GLY I 104 -10.54 24.75 -14.75
N ALA I 105 -11.32 25.63 -15.39
CA ALA I 105 -12.56 26.16 -14.82
C ALA I 105 -13.69 26.03 -15.82
N ASP I 106 -14.91 25.87 -15.32
CA ASP I 106 -16.09 25.72 -16.17
C ASP I 106 -17.34 26.02 -15.33
N TYR I 107 -18.50 26.00 -16.00
CA TYR I 107 -19.73 26.62 -15.51
C TYR I 107 -20.92 25.87 -16.11
N LYS I 108 -21.86 25.44 -15.28
CA LYS I 108 -23.03 24.71 -15.76
C LYS I 108 -24.28 25.14 -14.98
N ARG I 109 -25.33 25.50 -15.71
CA ARG I 109 -26.61 25.86 -15.11
C ARG I 109 -27.48 24.61 -14.95
N ILE I 110 -28.26 24.59 -13.87
CA ILE I 110 -29.17 23.49 -13.56
C ILE I 110 -30.44 24.08 -12.95
N THR I 111 -31.60 23.64 -13.41
CA THR I 111 -32.88 24.18 -12.98
C THR I 111 -33.56 23.23 -12.00
N LEU I 112 -34.09 23.80 -10.92
CA LEU I 112 -34.85 23.06 -9.92
C LEU I 112 -36.28 23.56 -9.92
N LYS I 113 -37.23 22.65 -10.11
CA LYS I 113 -38.66 22.93 -9.96
C LYS I 113 -39.18 22.23 -8.71
N VAL I 114 -40.06 22.90 -7.98
CA VAL I 114 -40.58 22.38 -6.72
C VAL I 114 -42.10 22.37 -6.79
N ASN I 115 -42.70 21.18 -6.76
CA ASN I 115 -44.14 21.05 -6.74
C ASN I 115 -44.66 21.15 -5.31
N ALA I 116 -45.75 21.90 -5.15
CA ALA I 116 -46.39 22.06 -3.84
C ALA I 116 -47.27 20.85 -3.55
N PRO I 117 -47.62 20.65 -2.26
CA PRO I 117 -48.62 19.62 -1.91
C PRO I 117 -50.02 19.94 -2.45
N PHE J 3 -4.79 1.56 42.63
CA PHE J 3 -3.62 1.75 41.79
C PHE J 3 -3.81 1.06 40.43
N THR J 4 -3.67 1.85 39.36
CA THR J 4 -3.89 1.39 38.01
C THR J 4 -2.91 2.12 37.09
N ILE J 5 -2.34 1.40 36.13
CA ILE J 5 -1.42 1.99 35.17
C ILE J 5 -2.16 2.19 33.85
N THR J 6 -1.84 3.27 33.16
CA THR J 6 -2.53 3.66 31.94
C THR J 6 -1.57 3.53 30.77
N ALA J 7 -1.97 2.77 29.75
CA ALA J 7 -1.26 2.69 28.49
C ALA J 7 -2.15 3.31 27.41
N PRO J 8 -1.92 4.56 27.00
CA PRO J 8 -2.85 5.17 26.03
C PRO J 8 -2.90 4.39 24.72
N LYS J 9 -1.73 4.07 24.15
CA LYS J 9 -1.66 3.19 22.99
C LYS J 9 -1.53 1.74 23.46
N ASP J 10 -2.25 0.85 22.78
CA ASP J 10 -2.30 -0.58 23.08
C ASP J 10 -1.74 -1.39 21.92
N LEU J 11 -1.15 -0.72 20.93
CA LEU J 11 -0.64 -1.38 19.73
C LEU J 11 0.32 -0.42 19.04
N TYR J 12 1.54 -0.86 18.80
CA TYR J 12 2.54 -0.08 18.07
C TYR J 12 2.95 -0.85 16.82
N VAL J 13 2.83 -0.21 15.66
CA VAL J 13 3.32 -0.73 14.40
C VAL J 13 4.57 0.07 14.04
N VAL J 14 5.63 -0.59 13.62
CA VAL J 14 6.94 0.07 13.39
C VAL J 14 7.66 -0.67 12.28
N GLU J 15 8.68 -0.05 11.73
CA GLU J 15 9.50 -0.57 10.63
C GLU J 15 10.77 -1.19 11.17
N TYR J 16 11.18 -2.31 10.56
CA TYR J 16 12.47 -2.92 10.85
C TYR J 16 13.56 -1.85 10.85
N GLY J 17 14.50 -1.98 11.79
CA GLY J 17 15.59 -1.04 11.91
C GLY J 17 15.27 0.23 12.67
N SER J 18 13.99 0.57 12.83
CA SER J 18 13.61 1.80 13.51
C SER J 18 13.66 1.62 15.02
N ASN J 19 13.30 2.66 15.76
CA ASN J 19 13.17 2.61 17.21
C ASN J 19 11.69 2.67 17.60
N VAL J 20 11.40 2.22 18.82
CA VAL J 20 10.07 2.34 19.39
C VAL J 20 10.20 2.73 20.86
N THR J 21 9.24 3.51 21.35
CA THR J 21 9.10 3.78 22.77
C THR J 21 7.64 3.51 23.13
N MET J 22 7.39 2.50 23.95
CA MET J 22 6.05 2.09 24.34
C MET J 22 5.74 2.65 25.71
N GLU J 23 4.75 3.53 25.79
CA GLU J 23 4.44 4.25 27.01
C GLU J 23 3.74 3.33 28.01
N CYS J 24 4.04 3.51 29.29
CA CYS J 24 3.36 2.79 30.36
C CYS J 24 3.44 3.68 31.60
N ARG J 25 2.35 4.39 31.88
CA ARG J 25 2.34 5.44 32.90
C ARG J 25 1.73 4.94 34.19
N PHE J 26 2.20 5.50 35.30
CA PHE J 26 1.73 5.19 36.64
C PHE J 26 1.60 6.49 37.43
N PRO J 27 0.68 6.54 38.40
CA PRO J 27 0.44 7.81 39.10
C PRO J 27 1.52 8.12 40.13
N VAL J 28 1.68 9.41 40.41
CA VAL J 28 2.69 9.90 41.33
C VAL J 28 2.04 10.89 42.29
N GLU J 29 1.84 10.45 43.53
CA GLU J 29 1.33 11.32 44.58
C GLU J 29 2.49 12.17 45.09
N ARG J 30 2.68 13.34 44.46
CA ARG J 30 3.72 14.28 44.86
C ARG J 30 5.12 13.71 44.62
N GLU J 31 5.89 13.51 45.67
CA GLU J 31 7.28 13.08 45.53
C GLU J 31 7.37 11.64 45.05
N LEU J 32 8.40 11.35 44.25
CA LEU J 32 8.65 10.02 43.72
C LEU J 32 9.83 9.39 44.46
N ASP J 33 9.62 8.19 44.99
CA ASP J 33 10.63 7.45 45.75
C ASP J 33 11.07 6.24 44.93
N LEU J 34 12.20 6.37 44.24
CA LEU J 34 12.66 5.31 43.35
C LEU J 34 12.82 3.98 44.08
N LEU J 35 13.13 4.02 45.38
CA LEU J 35 13.31 2.79 46.15
C LEU J 35 12.00 2.05 46.40
N ALA J 36 10.87 2.69 46.12
CA ALA J 36 9.56 2.05 46.25
C ALA J 36 8.98 1.62 44.91
N LEU J 37 9.74 1.77 43.83
CA LEU J 37 9.26 1.51 42.49
C LEU J 37 9.80 0.19 41.97
N VAL J 38 8.94 -0.58 41.31
CA VAL J 38 9.31 -1.82 40.65
C VAL J 38 8.69 -1.81 39.26
N VAL J 39 9.51 -2.02 38.23
CA VAL J 39 9.04 -2.10 36.85
C VAL J 39 9.61 -3.35 36.21
N TYR J 40 8.75 -4.12 35.56
CA TYR J 40 9.17 -5.21 34.68
C TYR J 40 8.53 -5.01 33.31
N TRP J 41 9.30 -5.27 32.26
CA TRP J 41 8.77 -5.44 30.91
C TRP J 41 9.06 -6.88 30.48
N GLU J 42 8.03 -7.56 30.00
CA GLU J 42 8.14 -8.93 29.49
C GLU J 42 7.63 -8.97 28.07
N LYS J 43 8.04 -10.00 27.33
CA LYS J 43 7.47 -10.28 26.01
C LYS J 43 7.22 -11.78 25.92
N GLU J 44 6.01 -12.19 26.27
CA GLU J 44 5.57 -13.58 26.10
C GLU J 44 6.57 -14.54 26.77
N ASP J 45 6.73 -14.35 28.07
CA ASP J 45 7.58 -15.18 28.95
C ASP J 45 9.06 -14.88 28.78
N GLU J 46 9.42 -13.87 27.99
CA GLU J 46 10.80 -13.39 27.90
C GLU J 46 10.91 -12.09 28.69
N GLN J 47 11.86 -12.02 29.62
CA GLN J 47 12.11 -10.78 30.34
C GLN J 47 12.94 -9.86 29.45
N VAL J 48 12.50 -8.62 29.31
CA VAL J 48 13.20 -7.63 28.51
C VAL J 48 14.08 -6.72 29.38
N ILE J 49 13.50 -6.20 30.46
CA ILE J 49 14.22 -5.27 31.32
C ILE J 49 13.45 -5.15 32.63
N GLN J 50 14.17 -4.91 33.73
CA GLN J 50 13.54 -4.70 35.03
C GLN J 50 14.24 -3.55 35.74
N PHE J 51 13.50 -2.90 36.64
CA PHE J 51 14.01 -1.82 37.47
C PHE J 51 13.39 -2.00 38.84
N VAL J 52 14.19 -2.45 39.80
CA VAL J 52 13.70 -2.89 41.11
C VAL J 52 14.41 -2.10 42.18
N ALA J 53 13.69 -1.18 42.83
CA ALA J 53 14.23 -0.37 43.91
C ALA J 53 15.57 0.26 43.50
N GLY J 54 15.58 0.86 42.32
CA GLY J 54 16.75 1.55 41.80
C GLY J 54 17.74 0.68 41.06
N GLU J 55 17.64 -0.64 41.18
CA GLU J 55 18.56 -1.56 40.54
C GLU J 55 17.98 -2.02 39.21
N GLU J 56 18.67 -1.71 38.13
CA GLU J 56 18.28 -2.12 36.79
C GLU J 56 19.05 -3.38 36.40
N ASP J 57 18.44 -4.20 35.54
CA ASP J 57 19.04 -5.47 35.16
C ASP J 57 18.44 -5.90 33.82
N LEU J 58 19.30 -6.37 32.92
CA LEU J 58 18.84 -7.00 31.68
C LEU J 58 18.88 -8.52 31.87
N HIS J 62 21.93 -11.94 28.79
CA HIS J 62 21.89 -13.00 27.81
C HIS J 62 20.56 -12.99 27.04
N SER J 63 19.78 -11.94 27.21
CA SER J 63 18.49 -11.85 26.56
C SER J 63 18.66 -11.46 25.09
N ASN J 64 17.58 -11.61 24.32
CA ASN J 64 17.58 -11.25 22.91
C ASN J 64 17.52 -9.75 22.68
N PHE J 65 17.51 -8.91 23.72
CA PHE J 65 17.61 -7.44 23.58
C PHE J 65 18.96 -7.00 24.15
N ARG J 66 20.02 -7.45 23.50
CA ARG J 66 21.45 -7.39 23.90
C ARG J 66 21.72 -6.00 24.47
N GLY J 67 21.67 -4.95 23.68
CA GLY J 67 21.86 -3.62 24.25
C GLY J 67 20.93 -2.65 23.57
N ARG J 68 19.71 -3.11 23.29
CA ARG J 68 18.68 -2.35 22.60
C ARG J 68 17.51 -2.01 23.49
N ALA J 69 17.41 -2.54 24.70
CA ALA J 69 16.28 -2.24 25.58
C ALA J 69 16.74 -1.27 26.65
N SER J 70 15.93 -0.30 27.04
CA SER J 70 16.28 0.64 28.09
C SER J 70 15.01 1.28 28.66
N LEU J 71 15.13 1.78 29.87
CA LEU J 71 14.09 2.55 30.55
C LEU J 71 14.60 3.96 30.78
N PRO J 72 14.47 4.87 29.83
CA PRO J 72 14.99 6.23 30.02
C PRO J 72 14.51 6.80 31.35
N LYS J 73 15.46 7.28 32.16
CA LYS J 73 15.11 7.69 33.51
C LYS J 73 14.44 9.04 33.58
N ASP J 74 14.63 9.90 32.58
CA ASP J 74 13.84 11.12 32.51
C ASP J 74 12.35 10.80 32.57
N GLN J 75 11.90 9.84 31.74
CA GLN J 75 10.49 9.48 31.73
C GLN J 75 10.10 8.67 32.95
N LEU J 76 11.02 7.90 33.53
CA LEU J 76 10.74 7.23 34.79
C LEU J 76 10.36 8.25 35.87
N LEU J 77 11.11 9.35 35.94
CA LEU J 77 10.84 10.37 36.95
C LEU J 77 9.50 11.05 36.72
N LYS J 78 9.05 11.14 35.47
CA LYS J 78 7.77 11.76 35.15
C LYS J 78 6.60 10.80 35.31
N GLY J 79 6.84 9.59 35.81
CA GLY J 79 5.78 8.61 35.96
C GLY J 79 5.51 7.79 34.72
N ASN J 80 6.47 7.70 33.80
CA ASN J 80 6.30 6.97 32.55
C ASN J 80 7.41 5.91 32.45
N ALA J 81 7.07 4.67 32.70
CA ALA J 81 8.02 3.55 32.63
C ALA J 81 8.12 3.04 31.19
N ALA J 82 8.46 3.96 30.30
CA ALA J 82 8.47 3.66 28.88
C ALA J 82 9.62 2.72 28.52
N LEU J 83 9.31 1.70 27.72
CA LEU J 83 10.32 0.78 27.21
C LEU J 83 10.78 1.26 25.84
N GLN J 84 12.08 1.48 25.70
CA GLN J 84 12.69 1.94 24.45
C GLN J 84 13.49 0.80 23.84
N ILE J 85 13.12 0.42 22.61
CA ILE J 85 13.83 -0.60 21.85
C ILE J 85 14.44 0.08 20.63
N THR J 86 15.76 0.02 20.52
CA THR J 86 16.46 0.58 19.37
C THR J 86 16.79 -0.52 18.37
N ASP J 87 16.79 -0.17 17.09
CA ASP J 87 17.13 -1.08 16.00
C ASP J 87 16.26 -2.34 16.06
N VAL J 88 14.95 -2.11 15.88
CA VAL J 88 13.97 -3.16 16.06
C VAL J 88 14.19 -4.28 15.04
N LYS J 89 14.02 -5.54 15.45
CA LYS J 89 14.15 -6.72 14.58
C LYS J 89 12.79 -7.41 14.51
N LEU J 90 12.61 -8.30 13.57
CA LEU J 90 11.35 -9.01 13.35
C LEU J 90 10.92 -9.77 14.59
N GLN J 91 11.86 -10.44 15.26
CA GLN J 91 11.53 -11.23 16.44
C GLN J 91 10.98 -10.38 17.57
N ASP J 92 11.22 -9.06 17.54
CA ASP J 92 10.70 -8.18 18.57
C ASP J 92 9.19 -8.07 18.53
N ALA J 93 8.56 -8.41 17.40
CA ALA J 93 7.11 -8.40 17.32
C ALA J 93 6.51 -9.39 18.31
N GLY J 94 5.45 -8.98 18.98
CA GLY J 94 4.79 -9.83 19.96
C GLY J 94 4.10 -8.99 21.01
N VAL J 95 3.59 -9.69 22.02
CA VAL J 95 2.80 -9.08 23.08
C VAL J 95 3.71 -8.77 24.25
N TYR J 96 3.93 -7.48 24.51
CA TYR J 96 4.69 -7.05 25.67
C TYR J 96 3.76 -6.83 26.86
N CYS J 97 4.29 -7.08 28.05
CA CYS J 97 3.56 -6.84 29.29
C CYS J 97 4.35 -5.87 30.16
N CYS J 98 3.68 -4.79 30.57
CA CYS J 98 4.27 -3.81 31.47
C CYS J 98 3.68 -4.02 32.86
N ILE J 99 4.54 -4.32 33.82
CA ILE J 99 4.14 -4.63 35.19
C ILE J 99 4.81 -3.60 36.10
N ILE J 100 4.01 -2.89 36.90
CA ILE J 100 4.52 -1.86 37.79
C ILE J 100 3.98 -2.09 39.20
N SER J 101 4.85 -1.90 40.19
CA SER J 101 4.47 -1.93 41.59
C SER J 101 4.95 -0.62 42.23
N TYR J 102 4.01 0.22 42.64
CA TYR J 102 4.31 1.48 43.33
C TYR J 102 3.14 1.72 44.29
N GLY J 103 3.30 1.25 45.52
CA GLY J 103 2.18 1.14 46.43
C GLY J 103 1.40 -0.13 46.16
N GLY J 104 0.58 -0.10 45.11
CA GLY J 104 -0.07 -1.28 44.59
C GLY J 104 0.60 -1.76 43.31
N ALA J 105 -0.09 -2.69 42.63
CA ALA J 105 0.47 -3.33 41.45
C ALA J 105 -0.57 -3.47 40.35
N ASP J 106 -0.11 -3.35 39.11
CA ASP J 106 -0.99 -3.46 37.94
C ASP J 106 -0.15 -3.90 36.75
N TYR J 107 -0.83 -4.34 35.69
CA TYR J 107 -0.16 -4.71 34.45
C TYR J 107 -1.04 -4.38 33.26
N LYS J 108 -0.39 -4.15 32.11
CA LYS J 108 -1.07 -3.89 30.85
C LYS J 108 -0.33 -4.59 29.72
N ARG J 109 -1.09 -5.24 28.83
CA ARG J 109 -0.51 -5.80 27.62
C ARG J 109 -0.39 -4.73 26.54
N ILE J 110 0.64 -4.87 25.71
CA ILE J 110 0.87 -3.97 24.58
C ILE J 110 1.46 -4.80 23.44
N THR J 111 0.91 -4.64 22.25
CA THR J 111 1.33 -5.43 21.10
C THR J 111 2.23 -4.61 20.18
N LEU J 112 3.31 -5.22 19.73
CA LEU J 112 4.23 -4.61 18.78
C LEU J 112 4.19 -5.39 17.47
N LYS J 113 3.99 -4.66 16.37
CA LYS J 113 4.03 -5.23 15.03
C LYS J 113 5.24 -4.64 14.29
N VAL J 114 5.94 -5.48 13.54
CA VAL J 114 7.19 -5.11 12.87
C VAL J 114 7.02 -5.34 11.38
N ASN J 115 6.99 -4.27 10.61
CA ASN J 115 6.87 -4.35 9.15
C ASN J 115 8.23 -4.71 8.55
N ALA J 116 8.31 -5.84 7.86
CA ALA J 116 9.52 -6.22 7.18
C ALA J 116 9.84 -5.20 6.08
N PRO J 117 11.09 -4.78 5.93
CA PRO J 117 11.44 -3.82 4.88
C PRO J 117 11.75 -4.47 3.54
N TYR J 118 11.63 -5.80 3.46
CA TYR J 118 11.95 -6.56 2.26
C TYR J 118 13.18 -6.00 1.55
#